data_6E68
#
_entry.id   6E68
#
_cell.length_a   60.464
_cell.length_b   106.410
_cell.length_c   82.745
_cell.angle_alpha   90.000
_cell.angle_beta   96.550
_cell.angle_gamma   90.000
#
_symmetry.space_group_name_H-M   'P 1 21 1'
#
loop_
_entity.id
_entity.type
_entity.pdbx_description
1 polymer 'Nicotinamide phosphoribosyltransferase'
2 non-polymer 'PHOSPHATE ION'
3 non-polymer (2E)-N-{4-[1-(3-aminobenzene-1-carbonyl)piperidin-4-yl]butyl}-3-(pyridin-3-yl)prop-2-enamide
4 water water
#
_entity_poly.entity_id   1
_entity_poly.type   'polypeptide(L)'
_entity_poly.pdbx_seq_one_letter_code
;EFNILLATDSYKVTHYKQYPPNTSKVYSYFECREKKTENSKLRKVKYEETVFYGLQYILNKYLKGKVVTKEKIQEAKDVY
KEHFQDDVFNEKGWNYILEKYDGHLPIEIKAVPEGFVIPRGNVLFTVENTDPECYWLTNWIETILVQSWYPITVATNSRE
QKKILAKYLLETSGNLDGLEYKLHDFGYRGVSSQETAGIGASAHLVNFKGTDTVAGLALIKKYYGTKDPVPGYSVPAAEH
STITAWGKDHEKDAFEHIVTQFSSVPVSVVSDSYDIYNACEKIWGEDLRHLIVSRSTQAPLIIRPDSGNPLDTVLKVLEI
LGKKFPVTENSKGYKLLPPYLRVIQGDGVDINTLQEIVEGMKQKMWSIENIAFGSGGGLLQKLTRDLLNCSFKCSYVVTN
GLGINVFKDPVADPNKRSKKGRLSLHRTPAGNFVTLEEGKGDLEEYGQDLLHTVFKNGKVTKSYSFDEIRKNAQLNIELE
;
_entity_poly.pdbx_strand_id   A,B
#
# COMPACT_ATOMS: atom_id res chain seq x y z
N GLU A 1 -4.03 -13.74 16.65
CA GLU A 1 -4.35 -14.54 15.43
C GLU A 1 -5.49 -13.84 14.62
N PHE A 2 -5.49 -14.07 13.33
CA PHE A 2 -6.45 -13.43 12.43
C PHE A 2 -7.87 -13.92 12.68
N ASN A 3 -8.79 -12.99 12.68
CA ASN A 3 -10.24 -13.30 12.92
C ASN A 3 -11.05 -12.71 11.78
N ILE A 4 -11.59 -13.60 10.96
CA ILE A 4 -12.37 -13.21 9.81
C ILE A 4 -13.62 -12.41 10.19
N LEU A 5 -14.11 -12.59 11.42
CA LEU A 5 -15.26 -11.82 11.89
C LEU A 5 -14.91 -10.38 12.08
N LEU A 6 -13.60 -10.06 12.20
CA LEU A 6 -13.08 -8.69 12.42
C LEU A 6 -12.35 -8.17 11.18
N ALA A 7 -12.56 -8.88 10.07
CA ALA A 7 -11.86 -8.54 8.82
C ALA A 7 -12.78 -8.07 7.69
N THR A 8 -13.77 -7.28 8.05
CA THR A 8 -14.73 -6.73 7.12
C THR A 8 -14.89 -5.26 7.43
N ASP A 9 -15.44 -4.51 6.46
CA ASP A 9 -15.83 -3.16 6.71
C ASP A 9 -16.93 -3.14 7.77
N SER A 10 -16.81 -2.23 8.73
CA SER A 10 -17.76 -2.20 9.83
C SER A 10 -19.25 -2.26 9.34
N TYR A 11 -19.60 -1.46 8.32
CA TYR A 11 -21.00 -1.48 7.92
C TYR A 11 -21.53 -2.86 7.52
N LYS A 12 -20.66 -3.76 7.02
CA LYS A 12 -21.07 -5.07 6.59
C LYS A 12 -21.57 -5.92 7.75
N VAL A 13 -21.15 -5.55 8.95
CA VAL A 13 -21.69 -6.22 10.15
C VAL A 13 -23.19 -6.03 10.25
N THR A 14 -23.71 -4.97 9.67
CA THR A 14 -25.13 -4.64 9.76
C THR A 14 -25.98 -5.07 8.59
N HIS A 15 -25.35 -5.64 7.58
CA HIS A 15 -26.06 -5.88 6.32
C HIS A 15 -27.03 -7.06 6.32
N TYR A 16 -26.83 -7.97 7.25
CA TYR A 16 -27.76 -9.12 7.40
C TYR A 16 -29.16 -8.66 7.76
N LYS A 17 -29.31 -7.45 8.29
CA LYS A 17 -30.63 -6.87 8.64
C LYS A 17 -31.21 -6.09 7.47
N GLN A 18 -30.45 -5.97 6.35
CA GLN A 18 -30.84 -5.06 5.28
C GLN A 18 -31.30 -5.66 3.99
N TYR A 19 -30.91 -6.86 3.73
CA TYR A 19 -31.30 -7.56 2.53
C TYR A 19 -32.81 -7.85 2.59
N PRO A 20 -33.41 -8.06 1.43
CA PRO A 20 -34.83 -8.39 1.43
C PRO A 20 -35.08 -9.64 2.24
N PRO A 21 -36.17 -9.64 3.02
CA PRO A 21 -36.55 -10.90 3.68
C PRO A 21 -36.77 -12.00 2.67
N ASN A 22 -36.53 -13.25 3.11
CA ASN A 22 -36.73 -14.44 2.29
C ASN A 22 -35.70 -14.53 1.17
N THR A 23 -34.51 -13.98 1.45
CA THR A 23 -33.40 -14.06 0.51
C THR A 23 -32.52 -15.22 0.86
N SER A 24 -32.40 -16.17 -0.05
CA SER A 24 -31.64 -17.42 0.17
C SER A 24 -30.24 -17.45 -0.53
N LYS A 25 -30.06 -16.56 -1.50
CA LYS A 25 -28.81 -16.51 -2.26
C LYS A 25 -28.44 -15.07 -2.55
N VAL A 26 -27.17 -14.76 -2.34
CA VAL A 26 -26.55 -13.52 -2.78
C VAL A 26 -25.32 -13.98 -3.60
N TYR A 27 -25.31 -13.52 -4.86
CA TYR A 27 -24.30 -13.88 -5.83
C TYR A 27 -23.69 -12.60 -6.33
N SER A 28 -22.36 -12.56 -6.19
CA SER A 28 -21.59 -11.36 -6.50
C SER A 28 -20.38 -11.70 -7.38
N TYR A 29 -19.81 -10.67 -8.03
CA TYR A 29 -18.74 -10.89 -8.95
C TYR A 29 -17.71 -9.77 -8.85
N PHE A 30 -16.51 -10.08 -9.33
CA PHE A 30 -15.40 -9.09 -9.38
C PHE A 30 -15.01 -8.86 -10.82
N GLU A 31 -14.84 -7.60 -11.13
CA GLU A 31 -14.26 -7.20 -12.46
C GLU A 31 -13.34 -6.02 -12.30
N CYS A 32 -12.57 -5.78 -13.37
CA CYS A 32 -11.77 -4.56 -13.51
C CYS A 32 -12.52 -3.72 -14.51
N ARG A 33 -13.45 -2.90 -14.01
CA ARG A 33 -14.45 -2.31 -14.81
C ARG A 33 -13.84 -1.45 -15.90
N GLU A 34 -14.49 -1.47 -17.05
CA GLU A 34 -14.02 -0.69 -18.15
C GLU A 34 -14.31 0.79 -17.83
N LYS A 35 -13.54 1.69 -18.36
CA LYS A 35 -13.82 3.11 -18.17
C LYS A 35 -13.88 3.80 -19.52
N LYS A 36 -15.08 4.11 -20.02
CA LYS A 36 -15.28 4.74 -21.37
C LYS A 36 -14.09 5.54 -21.96
N LYS A 46 -3.27 3.10 -20.86
CA LYS A 46 -4.70 2.59 -21.01
C LYS A 46 -5.16 1.34 -20.20
N TYR A 47 -4.24 0.47 -19.92
CA TYR A 47 -4.48 -0.75 -19.19
C TYR A 47 -5.75 -1.51 -19.70
N GLU A 48 -5.69 -1.93 -20.96
CA GLU A 48 -6.84 -2.60 -21.57
C GLU A 48 -7.02 -4.01 -21.14
N GLU A 49 -5.96 -4.63 -20.60
CA GLU A 49 -6.06 -6.03 -20.16
C GLU A 49 -5.35 -6.22 -18.83
N THR A 50 -5.86 -7.12 -18.02
CA THR A 50 -5.32 -7.28 -16.67
C THR A 50 -4.87 -8.71 -16.44
N VAL A 51 -3.76 -8.87 -15.74
CA VAL A 51 -3.30 -10.14 -15.23
C VAL A 51 -4.07 -10.54 -13.97
N PHE A 52 -4.78 -11.67 -13.98
CA PHE A 52 -5.50 -12.12 -12.81
C PHE A 52 -4.54 -12.89 -11.94
N TYR A 53 -4.21 -12.33 -10.77
CA TYR A 53 -3.25 -12.96 -9.87
C TYR A 53 -3.50 -12.53 -8.42
N GLY A 54 -3.40 -13.50 -7.53
CA GLY A 54 -3.38 -13.22 -6.09
C GLY A 54 -4.50 -13.80 -5.27
N LEU A 55 -5.55 -14.25 -5.91
CA LEU A 55 -6.67 -14.80 -5.17
C LEU A 55 -6.26 -16.03 -4.32
N GLN A 56 -5.44 -16.86 -4.91
CA GLN A 56 -5.00 -18.12 -4.22
C GLN A 56 -4.34 -17.86 -2.91
N TYR A 57 -3.55 -16.79 -2.83
CA TYR A 57 -3.00 -16.33 -1.54
C TYR A 57 -4.09 -16.10 -0.50
N ILE A 58 -5.07 -15.30 -0.93
CA ILE A 58 -6.17 -14.91 -0.02
C ILE A 58 -6.91 -16.17 0.42
N LEU A 59 -7.23 -17.05 -0.55
CA LEU A 59 -8.04 -18.25 -0.22
C LEU A 59 -7.36 -19.05 0.88
N ASN A 60 -6.08 -19.32 0.68
CA ASN A 60 -5.32 -20.13 1.63
C ASN A 60 -5.04 -19.45 2.94
N LYS A 61 -4.59 -18.20 2.88
CA LYS A 61 -4.21 -17.51 4.09
C LYS A 61 -5.37 -17.20 5.04
N TYR A 62 -6.49 -16.80 4.46
CA TYR A 62 -7.57 -16.23 5.21
C TYR A 62 -8.91 -16.95 5.17
N LEU A 63 -9.19 -17.66 4.10
CA LEU A 63 -10.56 -18.14 3.94
C LEU A 63 -10.78 -19.62 4.17
N LYS A 64 -9.76 -20.41 3.96
CA LYS A 64 -9.95 -21.86 4.05
C LYS A 64 -9.91 -22.43 5.47
N GLY A 65 -10.55 -23.59 5.63
CA GLY A 65 -10.53 -24.31 6.87
C GLY A 65 -11.41 -23.74 7.93
N LYS A 66 -11.07 -24.06 9.17
CA LYS A 66 -11.91 -23.66 10.30
C LYS A 66 -11.56 -22.22 10.64
N VAL A 67 -12.36 -21.31 10.14
CA VAL A 67 -12.10 -19.87 10.38
C VAL A 67 -12.99 -19.24 11.39
N VAL A 68 -13.93 -20.03 11.95
CA VAL A 68 -14.84 -19.53 13.00
C VAL A 68 -14.60 -20.45 14.20
N THR A 69 -14.47 -19.83 15.35
CA THR A 69 -14.47 -20.52 16.65
C THR A 69 -15.35 -19.80 17.66
N LYS A 70 -15.68 -20.45 18.80
CA LYS A 70 -16.43 -19.76 19.79
C LYS A 70 -15.75 -18.54 20.29
N GLU A 71 -14.43 -18.58 20.44
CA GLU A 71 -13.69 -17.46 20.95
C GLU A 71 -13.70 -16.27 19.98
N LYS A 72 -13.63 -16.57 18.71
CA LYS A 72 -13.65 -15.54 17.64
C LYS A 72 -15.00 -14.90 17.59
N ILE A 73 -16.07 -15.67 17.82
CA ILE A 73 -17.37 -15.12 17.86
C ILE A 73 -17.52 -14.17 19.02
N GLN A 74 -17.11 -14.63 20.22
CA GLN A 74 -17.20 -13.78 21.40
C GLN A 74 -16.34 -12.51 21.31
N GLU A 75 -15.13 -12.59 20.78
CA GLU A 75 -14.34 -11.42 20.67
C GLU A 75 -14.97 -10.43 19.68
N ALA A 76 -15.48 -10.93 18.54
CA ALA A 76 -16.17 -10.00 17.61
C ALA A 76 -17.35 -9.33 18.28
N LYS A 77 -18.13 -10.14 19.00
CA LYS A 77 -19.28 -9.59 19.71
C LYS A 77 -18.87 -8.47 20.64
N ASP A 78 -17.78 -8.67 21.39
CA ASP A 78 -17.35 -7.73 22.36
C ASP A 78 -16.83 -6.43 21.73
N VAL A 79 -16.04 -6.59 20.65
CA VAL A 79 -15.51 -5.41 19.91
C VAL A 79 -16.64 -4.60 19.30
N TYR A 80 -17.52 -5.29 18.62
CA TYR A 80 -18.65 -4.60 17.95
C TYR A 80 -19.62 -3.90 18.88
N LYS A 81 -19.83 -4.44 20.06
CA LYS A 81 -20.66 -3.74 21.01
C LYS A 81 -20.12 -2.37 21.33
N GLU A 82 -18.82 -2.29 21.53
CA GLU A 82 -18.18 -1.01 21.80
C GLU A 82 -18.02 -0.12 20.55
N HIS A 83 -17.70 -0.75 19.43
CA HIS A 83 -17.48 0.00 18.20
C HIS A 83 -18.76 0.65 17.66
N PHE A 84 -19.88 -0.05 17.76
CA PHE A 84 -21.16 0.48 17.37
C PHE A 84 -21.97 1.10 18.52
N GLN A 85 -21.51 0.87 19.75
CA GLN A 85 -22.27 1.34 20.94
C GLN A 85 -23.69 0.75 20.85
N ASP A 86 -23.80 -0.47 20.37
CA ASP A 86 -25.07 -1.13 20.07
C ASP A 86 -24.74 -2.61 19.81
N ASP A 87 -25.74 -3.48 19.87
CA ASP A 87 -25.53 -4.91 19.75
C ASP A 87 -25.64 -5.57 18.37
N VAL A 88 -25.62 -4.84 17.30
CA VAL A 88 -25.93 -5.31 15.98
C VAL A 88 -25.26 -6.57 15.31
N PHE A 89 -24.30 -7.16 15.92
CA PHE A 89 -23.61 -8.34 15.39
C PHE A 89 -24.46 -9.62 15.22
N ASN A 90 -24.39 -10.26 14.04
CA ASN A 90 -25.06 -11.50 13.74
C ASN A 90 -24.33 -12.67 14.43
N GLU A 91 -24.40 -12.69 15.76
CA GLU A 91 -23.88 -13.82 16.52
C GLU A 91 -24.55 -15.18 16.13
N LYS A 92 -25.86 -15.20 15.99
CA LYS A 92 -26.56 -16.41 15.57
C LYS A 92 -26.07 -16.95 14.24
N GLY A 93 -25.89 -16.06 13.26
CA GLY A 93 -25.50 -16.48 11.94
C GLY A 93 -24.08 -17.07 11.90
N TRP A 94 -23.15 -16.46 12.64
CA TRP A 94 -21.77 -16.96 12.75
C TRP A 94 -21.74 -18.25 13.56
N ASN A 95 -22.55 -18.33 14.58
CA ASN A 95 -22.66 -19.58 15.34
C ASN A 95 -23.18 -20.74 14.51
N TYR A 96 -24.10 -20.45 13.60
CA TYR A 96 -24.65 -21.44 12.69
C TYR A 96 -23.56 -22.10 11.87
N ILE A 97 -22.67 -21.28 11.32
CA ILE A 97 -21.57 -21.77 10.57
C ILE A 97 -20.59 -22.64 11.45
N LEU A 98 -20.33 -22.16 12.63
CA LEU A 98 -19.51 -22.90 13.59
C LEU A 98 -20.09 -24.34 13.82
N GLU A 99 -21.35 -24.40 14.20
CA GLU A 99 -22.00 -25.64 14.57
C GLU A 99 -22.31 -26.53 13.40
N LYS A 100 -22.73 -25.95 12.27
CA LYS A 100 -23.13 -26.74 11.14
C LYS A 100 -21.95 -27.24 10.27
N TYR A 101 -20.91 -26.43 10.10
CA TYR A 101 -19.85 -26.70 9.11
C TYR A 101 -18.49 -26.67 9.79
N ASP A 102 -18.48 -26.88 11.11
CA ASP A 102 -17.25 -26.83 11.90
C ASP A 102 -16.41 -25.56 11.56
N GLY A 103 -17.09 -24.46 11.40
CA GLY A 103 -16.43 -23.20 11.11
C GLY A 103 -15.94 -22.96 9.70
N HIS A 104 -16.28 -23.81 8.75
CA HIS A 104 -15.85 -23.71 7.33
C HIS A 104 -16.91 -22.87 6.59
N LEU A 105 -16.46 -21.91 5.76
CA LEU A 105 -17.37 -21.02 5.12
C LEU A 105 -18.14 -21.68 3.97
N PRO A 106 -19.50 -21.61 4.04
CA PRO A 106 -20.34 -22.18 2.99
C PRO A 106 -20.51 -21.20 1.84
N ILE A 107 -19.42 -21.14 1.08
CA ILE A 107 -19.20 -20.20 -0.02
C ILE A 107 -18.58 -20.95 -1.16
N GLU A 108 -19.02 -20.61 -2.37
CA GLU A 108 -18.35 -21.14 -3.55
C GLU A 108 -17.81 -19.95 -4.36
N ILE A 109 -16.55 -20.08 -4.75
CA ILE A 109 -15.87 -19.05 -5.55
C ILE A 109 -15.38 -19.70 -6.81
N LYS A 110 -15.71 -19.09 -7.95
CA LYS A 110 -15.27 -19.57 -9.24
C LYS A 110 -14.42 -18.46 -9.86
N ALA A 111 -13.29 -18.82 -10.45
CA ALA A 111 -12.34 -17.85 -10.91
C ALA A 111 -11.68 -18.25 -12.18
N VAL A 112 -11.33 -17.27 -12.97
CA VAL A 112 -10.47 -17.49 -14.15
C VAL A 112 -9.08 -17.93 -13.64
N PRO A 113 -8.35 -18.79 -14.37
CA PRO A 113 -7.08 -19.26 -13.89
C PRO A 113 -6.06 -18.14 -13.66
N GLU A 114 -5.30 -18.26 -12.61
CA GLU A 114 -4.31 -17.22 -12.35
C GLU A 114 -3.27 -17.16 -13.42
N GLY A 115 -2.81 -15.94 -13.71
CA GLY A 115 -1.92 -15.63 -14.81
C GLY A 115 -2.66 -15.27 -16.10
N PHE A 116 -3.93 -15.62 -16.20
CA PHE A 116 -4.71 -15.26 -17.37
C PHE A 116 -4.79 -13.78 -17.53
N VAL A 117 -4.65 -13.36 -18.76
CA VAL A 117 -4.68 -11.95 -19.16
C VAL A 117 -6.00 -11.69 -19.83
N ILE A 118 -6.80 -10.83 -19.20
CA ILE A 118 -8.24 -10.67 -19.60
C ILE A 118 -8.50 -9.25 -19.85
N PRO A 119 -9.24 -8.91 -20.93
CA PRO A 119 -9.64 -7.50 -21.13
C PRO A 119 -10.50 -6.93 -20.04
N ARG A 120 -10.40 -5.62 -19.84
CA ARG A 120 -11.21 -4.89 -18.89
C ARG A 120 -12.69 -5.24 -19.11
N GLY A 121 -13.46 -5.20 -18.01
CA GLY A 121 -14.90 -5.32 -18.06
C GLY A 121 -15.41 -6.72 -18.19
N ASN A 122 -14.58 -7.66 -17.78
CA ASN A 122 -14.95 -9.06 -17.75
C ASN A 122 -15.02 -9.63 -16.33
N VAL A 123 -15.99 -10.52 -16.09
CA VAL A 123 -15.95 -11.27 -14.82
C VAL A 123 -14.64 -12.02 -14.63
N LEU A 124 -14.00 -11.84 -13.46
CA LEU A 124 -12.77 -12.53 -13.10
C LEU A 124 -13.01 -13.58 -12.04
N PHE A 125 -13.92 -13.30 -11.13
CA PHE A 125 -14.37 -14.35 -10.20
C PHE A 125 -15.76 -14.02 -9.69
N THR A 126 -16.46 -15.05 -9.22
CA THR A 126 -17.80 -14.95 -8.60
C THR A 126 -17.81 -15.58 -7.25
N VAL A 127 -18.70 -15.13 -6.37
CA VAL A 127 -18.84 -15.61 -5.04
C VAL A 127 -20.34 -15.79 -4.81
N GLU A 128 -20.68 -16.89 -4.20
CA GLU A 128 -22.08 -17.12 -3.73
C GLU A 128 -22.08 -18.04 -2.49
N ASN A 129 -23.14 -17.94 -1.71
CA ASN A 129 -23.30 -18.78 -0.54
C ASN A 129 -23.91 -20.11 -0.96
N THR A 130 -23.52 -21.16 -0.25
CA THR A 130 -23.98 -22.52 -0.62
C THR A 130 -25.04 -23.02 0.35
N ASP A 131 -25.34 -22.25 1.37
CA ASP A 131 -26.37 -22.56 2.35
C ASP A 131 -27.27 -21.32 2.40
N PRO A 132 -28.61 -21.47 2.28
CA PRO A 132 -29.51 -20.32 2.32
C PRO A 132 -29.37 -19.48 3.55
N GLU A 133 -29.00 -20.06 4.68
CA GLU A 133 -28.93 -19.27 5.88
C GLU A 133 -27.78 -18.22 5.82
N CYS A 134 -26.83 -18.51 4.94
CA CYS A 134 -25.59 -17.71 4.83
C CYS A 134 -25.65 -16.76 3.65
N TYR A 135 -26.85 -16.29 3.27
CA TYR A 135 -27.02 -15.27 2.22
C TYR A 135 -26.13 -14.05 2.50
N TRP A 136 -25.92 -13.72 3.76
CA TRP A 136 -25.20 -12.54 4.18
C TRP A 136 -23.70 -12.70 4.08
N LEU A 137 -23.22 -13.92 3.88
CA LEU A 137 -21.78 -14.18 3.99
C LEU A 137 -21.06 -13.78 2.69
N THR A 138 -21.76 -13.85 1.57
CA THR A 138 -21.17 -13.52 0.28
C THR A 138 -20.53 -12.16 0.30
N ASN A 139 -21.27 -11.17 0.78
CA ASN A 139 -20.67 -9.80 0.75
C ASN A 139 -19.91 -9.44 2.04
N TRP A 140 -20.06 -10.23 3.11
CA TRP A 140 -19.14 -10.10 4.23
C TRP A 140 -17.68 -10.10 3.78
N ILE A 141 -17.35 -11.04 2.90
CA ILE A 141 -15.98 -11.30 2.47
C ILE A 141 -15.61 -10.46 1.23
N GLU A 142 -16.46 -9.51 0.85
CA GLU A 142 -16.08 -8.56 -0.19
C GLU A 142 -14.76 -7.88 0.12
N THR A 143 -14.62 -7.43 1.37
CA THR A 143 -13.52 -6.51 1.71
C THR A 143 -12.21 -7.24 1.53
N ILE A 144 -12.16 -8.46 2.06
CA ILE A 144 -10.93 -9.23 2.00
C ILE A 144 -10.64 -9.66 0.53
N LEU A 145 -11.66 -10.03 -0.22
CA LEU A 145 -11.45 -10.46 -1.60
C LEU A 145 -11.11 -9.34 -2.53
N VAL A 146 -11.59 -8.13 -2.28
CA VAL A 146 -11.33 -7.00 -3.17
C VAL A 146 -9.88 -6.57 -3.07
N GLN A 147 -9.21 -6.90 -1.96
CA GLN A 147 -7.78 -6.65 -1.85
C GLN A 147 -6.94 -7.38 -2.90
N SER A 148 -7.55 -8.33 -3.62
CA SER A 148 -6.92 -8.90 -4.79
C SER A 148 -6.59 -7.82 -5.84
N TRP A 149 -7.21 -6.64 -5.74
CA TRP A 149 -6.92 -5.54 -6.64
C TRP A 149 -5.43 -5.30 -6.69
N TYR A 150 -4.77 -5.49 -5.54
CA TYR A 150 -3.39 -5.09 -5.43
C TYR A 150 -2.44 -5.98 -6.22
N PRO A 151 -2.43 -7.29 -5.99
CA PRO A 151 -1.61 -8.16 -6.84
C PRO A 151 -2.02 -8.12 -8.30
N ILE A 152 -3.33 -8.01 -8.60
CA ILE A 152 -3.68 -7.85 -10.01
C ILE A 152 -3.02 -6.59 -10.62
N THR A 153 -3.08 -5.48 -9.90
CA THR A 153 -2.59 -4.22 -10.44
C THR A 153 -1.08 -4.21 -10.55
N VAL A 154 -0.41 -4.68 -9.50
CA VAL A 154 1.05 -4.75 -9.58
C VAL A 154 1.49 -5.65 -10.80
N ALA A 155 0.85 -6.80 -10.91
CA ALA A 155 1.24 -7.75 -11.98
C ALA A 155 0.91 -7.12 -13.33
N THR A 156 -0.19 -6.38 -13.40
CA THR A 156 -0.59 -5.78 -14.64
C THR A 156 0.33 -4.65 -15.06
N ASN A 157 0.59 -3.76 -14.13
CA ASN A 157 1.45 -2.64 -14.38
C ASN A 157 2.90 -3.06 -14.68
N SER A 158 3.35 -4.11 -14.02
CA SER A 158 4.66 -4.66 -14.28
C SER A 158 4.69 -5.24 -15.72
N ARG A 159 3.66 -5.98 -16.11
CA ARG A 159 3.59 -6.53 -17.45
C ARG A 159 3.53 -5.44 -18.54
N GLU A 160 2.83 -4.33 -18.29
CA GLU A 160 2.77 -3.23 -19.23
C GLU A 160 4.15 -2.61 -19.41
N GLN A 161 4.92 -2.56 -18.33
CA GLN A 161 6.31 -2.14 -18.42
C GLN A 161 7.18 -3.11 -19.21
N LYS A 162 6.96 -4.41 -19.01
CA LYS A 162 7.63 -5.43 -19.81
C LYS A 162 7.32 -5.25 -21.31
N LYS A 163 6.11 -4.82 -21.66
CA LYS A 163 5.73 -4.63 -23.06
C LYS A 163 6.53 -3.51 -23.67
N ILE A 164 6.70 -2.41 -22.91
CA ILE A 164 7.52 -1.28 -23.36
C ILE A 164 9.00 -1.69 -23.56
N LEU A 165 9.53 -2.36 -22.54
CA LEU A 165 10.92 -2.84 -22.63
C LEU A 165 11.08 -3.77 -23.81
N ALA A 166 10.12 -4.68 -24.01
CA ALA A 166 10.24 -5.66 -25.09
C ALA A 166 10.27 -4.95 -26.45
N LYS A 167 9.38 -4.01 -26.66
CA LYS A 167 9.27 -3.27 -27.88
C LYS A 167 10.63 -2.57 -28.23
N TYR A 168 11.16 -1.83 -27.28
CA TYR A 168 12.38 -1.05 -27.52
C TYR A 168 13.63 -1.96 -27.56
N LEU A 169 13.67 -3.03 -26.77
CA LEU A 169 14.76 -3.98 -26.86
C LEU A 169 14.77 -4.62 -28.24
N LEU A 170 13.61 -5.05 -28.73
CA LEU A 170 13.59 -5.76 -29.98
C LEU A 170 13.99 -4.77 -31.09
N GLU A 171 13.51 -3.55 -31.00
CA GLU A 171 13.84 -2.56 -32.00
C GLU A 171 15.32 -2.23 -32.06
N THR A 172 15.95 -2.07 -30.89
CA THR A 172 17.29 -1.61 -30.82
C THR A 172 18.31 -2.75 -30.87
N SER A 173 17.91 -4.00 -30.67
CA SER A 173 18.84 -5.12 -30.57
C SER A 173 18.53 -6.27 -31.50
N GLY A 174 17.27 -6.41 -31.89
CA GLY A 174 16.78 -7.49 -32.71
C GLY A 174 16.36 -8.73 -31.96
N ASN A 175 16.47 -8.72 -30.63
CA ASN A 175 16.02 -9.82 -29.82
C ASN A 175 15.58 -9.33 -28.42
N LEU A 176 15.18 -10.29 -27.59
CA LEU A 176 14.65 -10.01 -26.24
C LEU A 176 15.58 -10.49 -25.17
N ASP A 177 16.85 -10.75 -25.52
CA ASP A 177 17.74 -11.32 -24.52
C ASP A 177 17.91 -10.28 -23.36
N GLY A 178 17.84 -10.80 -22.15
CA GLY A 178 17.95 -9.97 -20.94
C GLY A 178 16.62 -9.37 -20.46
N LEU A 179 15.56 -9.55 -21.22
CA LEU A 179 14.31 -8.85 -20.94
C LEU A 179 13.82 -9.14 -19.52
N GLU A 180 14.19 -10.33 -19.02
CA GLU A 180 13.57 -10.99 -17.86
C GLU A 180 14.12 -10.37 -16.60
N TYR A 181 15.24 -9.67 -16.82
CA TYR A 181 15.98 -9.01 -15.76
C TYR A 181 16.03 -7.52 -15.87
N LYS A 182 15.24 -6.96 -16.75
CA LYS A 182 15.40 -5.55 -17.07
C LYS A 182 14.61 -4.59 -16.18
N LEU A 183 13.71 -5.12 -15.33
CA LEU A 183 13.00 -4.27 -14.38
C LEU A 183 13.10 -4.95 -13.01
N HIS A 184 13.95 -4.40 -12.15
CA HIS A 184 14.24 -4.94 -10.87
C HIS A 184 13.38 -4.26 -9.80
N ASP A 185 12.84 -5.07 -8.89
CA ASP A 185 12.01 -4.55 -7.79
C ASP A 185 12.95 -3.98 -6.66
N PHE A 186 12.89 -2.66 -6.47
CA PHE A 186 13.57 -1.93 -5.39
C PHE A 186 12.59 -1.51 -4.29
N GLY A 187 11.35 -2.04 -4.31
CA GLY A 187 10.28 -1.43 -3.56
C GLY A 187 10.05 -1.79 -2.11
N TYR A 188 10.93 -2.63 -1.52
CA TYR A 188 10.60 -3.18 -0.20
C TYR A 188 10.36 -2.02 0.83
N ARG A 189 11.25 -1.04 0.86
CA ARG A 189 11.14 0.09 1.86
C ARG A 189 9.98 1.01 1.61
N GLY A 190 9.53 1.02 0.34
CA GLY A 190 8.61 2.00 -0.18
C GLY A 190 7.18 1.56 -0.15
N VAL A 191 6.90 0.34 0.34
CA VAL A 191 5.53 -0.11 0.47
C VAL A 191 5.03 0.12 1.92
N SER A 192 3.75 -0.08 2.13
CA SER A 192 3.09 0.22 3.39
C SER A 192 3.23 -0.81 4.49
N SER A 193 3.63 -2.03 4.18
CA SER A 193 3.80 -3.07 5.21
C SER A 193 4.62 -4.25 4.72
N GLN A 194 5.04 -5.07 5.67
CA GLN A 194 5.69 -6.30 5.34
C GLN A 194 4.80 -7.18 4.47
N GLU A 195 3.51 -7.26 4.79
CA GLU A 195 2.66 -8.16 4.07
C GLU A 195 2.51 -7.67 2.62
N THR A 196 2.31 -6.38 2.48
CA THR A 196 2.28 -5.81 1.11
C THR A 196 3.50 -6.09 0.33
N ALA A 197 4.65 -5.94 0.97
CA ALA A 197 5.90 -6.26 0.32
C ALA A 197 5.93 -7.64 -0.35
N GLY A 198 5.55 -8.68 0.41
CA GLY A 198 5.56 -10.04 -0.12
C GLY A 198 4.56 -10.17 -1.26
N ILE A 199 3.36 -9.61 -1.07
CA ILE A 199 2.33 -9.75 -2.11
C ILE A 199 2.73 -9.03 -3.39
N GLY A 200 3.17 -7.79 -3.26
CA GLY A 200 3.55 -7.01 -4.44
C GLY A 200 4.78 -7.59 -5.10
N ALA A 201 5.82 -7.97 -4.32
CA ALA A 201 6.96 -8.52 -4.95
C ALA A 201 6.62 -9.77 -5.77
N SER A 202 5.70 -10.58 -5.24
CA SER A 202 5.34 -11.83 -5.92
C SER A 202 4.64 -11.53 -7.23
N ALA A 203 3.84 -10.45 -7.23
CA ALA A 203 3.09 -10.04 -8.42
C ALA A 203 4.03 -9.56 -9.55
N HIS A 204 5.07 -8.81 -9.15
CA HIS A 204 6.09 -8.38 -10.12
C HIS A 204 6.82 -9.61 -10.73
N LEU A 205 7.07 -10.63 -9.90
CA LEU A 205 7.82 -11.80 -10.35
C LEU A 205 7.01 -12.65 -11.32
N VAL A 206 5.76 -12.34 -11.51
CA VAL A 206 4.98 -12.99 -12.58
C VAL A 206 5.61 -12.68 -13.93
N ASN A 207 6.21 -11.47 -14.02
CA ASN A 207 6.71 -10.91 -15.28
C ASN A 207 8.25 -10.89 -15.42
N PHE A 208 8.90 -10.83 -14.32
CA PHE A 208 10.39 -10.64 -14.29
C PHE A 208 10.99 -11.56 -13.30
N LYS A 209 12.33 -11.67 -13.30
CA LYS A 209 13.03 -12.55 -12.42
C LYS A 209 13.93 -11.86 -11.41
N GLY A 210 14.02 -10.56 -11.44
CA GLY A 210 14.90 -9.82 -10.58
C GLY A 210 14.17 -9.03 -9.48
N THR A 211 14.61 -9.26 -8.27
CA THR A 211 14.00 -8.60 -7.13
C THR A 211 14.94 -8.43 -5.98
N ASP A 212 14.83 -7.30 -5.25
CA ASP A 212 15.49 -7.16 -3.95
C ASP A 212 14.47 -7.22 -2.84
N THR A 213 13.20 -7.38 -3.20
CA THR A 213 12.14 -7.53 -2.20
C THR A 213 12.01 -8.96 -1.79
N VAL A 214 12.92 -9.36 -0.91
CA VAL A 214 13.09 -10.80 -0.49
C VAL A 214 11.76 -11.46 -0.02
N ALA A 215 10.89 -10.67 0.61
CA ALA A 215 9.61 -11.16 1.11
C ALA A 215 8.78 -11.92 0.06
N GLY A 216 8.94 -11.53 -1.19
CA GLY A 216 8.19 -12.14 -2.25
C GLY A 216 8.53 -13.63 -2.43
N LEU A 217 9.76 -14.01 -2.09
CA LEU A 217 10.20 -15.40 -2.32
C LEU A 217 9.40 -16.37 -1.42
N ALA A 218 9.26 -16.06 -0.13
CA ALA A 218 8.65 -17.00 0.82
C ALA A 218 7.17 -17.12 0.48
N LEU A 219 6.56 -16.00 0.09
CA LEU A 219 5.14 -16.04 -0.26
C LEU A 219 4.92 -17.00 -1.45
N ILE A 220 5.71 -16.87 -2.52
CA ILE A 220 5.55 -17.74 -3.67
C ILE A 220 5.76 -19.21 -3.26
N LYS A 221 6.82 -19.47 -2.46
CA LYS A 221 7.10 -20.85 -2.06
C LYS A 221 5.92 -21.46 -1.30
N LYS A 222 5.35 -20.70 -0.39
CA LYS A 222 4.30 -21.17 0.51
C LYS A 222 2.97 -21.35 -0.22
N TYR A 223 2.62 -20.41 -1.10
CA TYR A 223 1.25 -20.36 -1.64
C TYR A 223 1.10 -20.80 -3.08
N TYR A 224 2.19 -20.80 -3.85
CA TYR A 224 2.14 -21.10 -5.25
C TYR A 224 3.08 -22.22 -5.69
N GLY A 225 4.37 -22.03 -5.46
CA GLY A 225 5.38 -23.04 -5.72
C GLY A 225 6.03 -22.88 -7.07
N THR A 226 7.34 -23.13 -7.13
CA THR A 226 8.08 -23.12 -8.39
C THR A 226 8.95 -24.41 -8.49
N LYS A 227 9.11 -24.91 -9.69
CA LYS A 227 10.05 -26.02 -9.93
C LYS A 227 11.48 -25.60 -9.56
N ASP A 228 11.88 -24.38 -9.93
CA ASP A 228 13.20 -23.90 -9.44
C ASP A 228 13.20 -23.56 -7.97
N PRO A 229 14.37 -23.66 -7.31
CA PRO A 229 14.48 -23.37 -5.86
C PRO A 229 13.88 -22.02 -5.51
N VAL A 230 14.21 -21.01 -6.31
CA VAL A 230 13.59 -19.68 -6.05
C VAL A 230 13.02 -19.03 -7.30
N PRO A 231 11.99 -18.15 -7.15
CA PRO A 231 11.41 -17.47 -8.33
C PRO A 231 12.14 -16.17 -8.79
N GLY A 232 13.02 -15.64 -7.94
CA GLY A 232 13.66 -14.42 -8.22
C GLY A 232 15.08 -14.35 -7.65
N TYR A 233 15.87 -13.50 -8.28
CA TYR A 233 17.31 -13.46 -8.12
C TYR A 233 17.81 -12.02 -7.91
N SER A 234 18.97 -11.90 -7.29
CA SER A 234 19.63 -10.63 -7.19
C SER A 234 21.17 -10.82 -7.29
N VAL A 235 21.85 -9.68 -7.22
CA VAL A 235 23.31 -9.60 -7.30
C VAL A 235 23.77 -8.61 -6.22
N PRO A 236 25.06 -8.65 -5.90
CA PRO A 236 25.58 -7.63 -4.96
C PRO A 236 25.49 -6.21 -5.52
N ALA A 237 25.27 -5.27 -4.62
CA ALA A 237 25.11 -3.92 -4.99
C ALA A 237 25.39 -3.02 -3.78
N ALA A 238 25.89 -1.83 -4.07
CA ALA A 238 26.19 -0.83 -3.03
C ALA A 238 24.96 0.04 -2.77
N GLU A 239 25.00 0.76 -1.62
CA GLU A 239 24.06 1.81 -1.30
C GLU A 239 24.91 3.00 -0.84
N HIS A 240 24.25 4.16 -0.63
CA HIS A 240 25.03 5.34 -0.28
C HIS A 240 25.85 5.10 0.98
N SER A 241 25.30 4.36 1.93
CA SER A 241 26.05 4.17 3.18
C SER A 241 27.38 3.50 2.92
N THR A 242 27.42 2.51 2.00
CA THR A 242 28.65 1.75 1.80
C THR A 242 29.71 2.51 1.01
N ILE A 243 29.27 3.51 0.28
CA ILE A 243 30.20 4.42 -0.37
C ILE A 243 30.61 5.55 0.56
N THR A 244 29.63 6.28 1.08
CA THR A 244 29.90 7.49 1.85
C THR A 244 30.63 7.23 3.16
N ALA A 245 30.50 6.00 3.69
CA ALA A 245 31.20 5.59 4.94
C ALA A 245 32.73 5.72 4.82
N TRP A 246 33.25 5.70 3.58
CA TRP A 246 34.71 5.87 3.30
C TRP A 246 35.22 7.25 3.45
N GLY A 247 34.30 8.24 3.49
CA GLY A 247 34.60 9.66 3.47
C GLY A 247 34.59 10.16 2.07
N LYS A 248 34.22 11.41 1.83
CA LYS A 248 34.11 11.76 0.42
C LYS A 248 35.43 11.64 -0.26
N ASP A 249 36.48 12.12 0.39
CA ASP A 249 37.71 12.08 -0.43
C ASP A 249 38.10 10.65 -0.83
N HIS A 250 37.34 9.64 -0.40
CA HIS A 250 37.77 8.28 -0.64
C HIS A 250 36.73 7.47 -1.40
N GLU A 251 35.94 8.17 -2.20
CA GLU A 251 34.92 7.49 -3.05
C GLU A 251 35.62 6.46 -3.94
N LYS A 252 36.76 6.82 -4.53
CA LYS A 252 37.48 5.88 -5.38
C LYS A 252 37.88 4.64 -4.59
N ASP A 253 38.33 4.80 -3.34
CA ASP A 253 38.68 3.65 -2.54
C ASP A 253 37.49 2.73 -2.31
N ALA A 254 36.32 3.31 -2.11
CA ALA A 254 35.12 2.54 -1.89
C ALA A 254 34.79 1.76 -3.15
N PHE A 255 34.78 2.43 -4.27
CA PHE A 255 34.50 1.74 -5.57
C PHE A 255 35.46 0.59 -5.76
N GLU A 256 36.76 0.89 -5.58
CA GLU A 256 37.78 -0.17 -5.83
C GLU A 256 37.55 -1.35 -4.93
N HIS A 257 37.32 -1.09 -3.65
CA HIS A 257 37.09 -2.15 -2.69
C HIS A 257 35.91 -3.01 -3.10
N ILE A 258 34.81 -2.35 -3.47
CA ILE A 258 33.62 -3.08 -3.76
C ILE A 258 33.70 -3.93 -5.01
N VAL A 259 34.23 -3.38 -6.10
CA VAL A 259 34.29 -4.17 -7.34
C VAL A 259 35.35 -5.31 -7.18
N THR A 260 36.30 -5.16 -6.26
CA THR A 260 37.29 -6.21 -6.07
C THR A 260 36.70 -7.30 -5.18
N GLN A 261 35.94 -6.91 -4.15
CA GLN A 261 35.17 -7.89 -3.39
C GLN A 261 34.25 -8.76 -4.24
N PHE A 262 33.61 -8.17 -5.24
CA PHE A 262 32.65 -8.88 -6.06
C PHE A 262 33.17 -8.89 -7.50
N SER A 263 34.32 -9.53 -7.71
CA SER A 263 35.04 -9.41 -9.01
C SER A 263 34.50 -10.41 -10.05
N SER A 264 33.75 -11.39 -9.58
CA SER A 264 33.30 -12.55 -10.34
C SER A 264 31.80 -12.66 -10.51
N VAL A 265 31.05 -11.68 -10.00
CA VAL A 265 29.61 -11.64 -10.24
C VAL A 265 29.29 -10.22 -10.75
N PRO A 266 28.11 -10.04 -11.32
CA PRO A 266 27.70 -8.66 -11.62
C PRO A 266 27.61 -7.85 -10.33
N VAL A 267 28.04 -6.61 -10.38
CA VAL A 267 27.96 -5.75 -9.21
C VAL A 267 27.50 -4.39 -9.63
N SER A 268 26.49 -3.92 -8.91
CA SER A 268 25.90 -2.59 -9.15
C SER A 268 26.51 -1.61 -8.15
N VAL A 269 26.99 -0.47 -8.60
CA VAL A 269 27.63 0.48 -7.71
C VAL A 269 27.07 1.90 -7.91
N VAL A 270 26.28 2.29 -6.90
CA VAL A 270 25.70 3.62 -6.85
C VAL A 270 26.83 4.68 -6.95
N SER A 271 26.69 5.57 -7.92
CA SER A 271 27.83 6.40 -8.33
C SER A 271 27.61 7.89 -8.20
N ASP A 272 26.46 8.29 -7.61
CA ASP A 272 26.05 9.64 -7.56
C ASP A 272 26.18 10.27 -6.17
N SER A 273 26.91 9.65 -5.26
CA SER A 273 26.99 10.20 -3.88
C SER A 273 27.34 11.66 -3.89
N TYR A 274 28.28 12.04 -4.77
CA TYR A 274 28.76 13.42 -4.85
C TYR A 274 28.69 14.03 -6.22
N ASP A 275 29.11 13.29 -7.23
CA ASP A 275 29.04 13.79 -8.60
C ASP A 275 29.12 12.61 -9.52
N ILE A 276 27.94 12.19 -9.94
CA ILE A 276 27.81 11.12 -10.87
C ILE A 276 28.67 11.21 -12.12
N TYR A 277 28.81 12.43 -12.62
CA TYR A 277 29.52 12.65 -13.90
C TYR A 277 31.02 12.50 -13.73
N ASN A 278 31.54 13.07 -12.66
CA ASN A 278 32.93 12.86 -12.28
C ASN A 278 33.17 11.40 -12.01
N ALA A 279 32.23 10.72 -11.32
CA ALA A 279 32.50 9.32 -11.00
C ALA A 279 32.62 8.50 -12.30
N CYS A 280 31.72 8.75 -13.24
CA CYS A 280 31.78 8.02 -14.49
C CYS A 280 33.05 8.35 -15.31
N GLU A 281 33.34 9.66 -15.47
CA GLU A 281 34.39 10.08 -16.43
C GLU A 281 35.78 9.85 -15.84
N LYS A 282 35.97 10.27 -14.58
CA LYS A 282 37.29 10.30 -13.92
C LYS A 282 37.59 9.29 -12.82
N ILE A 283 36.59 8.60 -12.29
CA ILE A 283 36.88 7.52 -11.35
C ILE A 283 36.79 6.19 -12.07
N TRP A 284 35.61 5.88 -12.59
CA TRP A 284 35.49 4.67 -13.37
C TRP A 284 36.25 4.75 -14.72
N GLY A 285 36.13 5.88 -15.36
CA GLY A 285 36.63 6.07 -16.74
C GLY A 285 38.14 6.23 -16.86
N GLU A 286 38.81 6.48 -15.74
CA GLU A 286 40.30 6.68 -15.75
C GLU A 286 40.94 5.94 -14.61
N ASP A 287 40.68 6.37 -13.36
CA ASP A 287 41.43 5.87 -12.22
C ASP A 287 41.26 4.41 -12.04
N LEU A 288 40.01 3.91 -12.24
CA LEU A 288 39.70 2.52 -12.01
C LEU A 288 39.34 1.72 -13.27
N ARG A 289 39.57 2.34 -14.39
CA ARG A 289 39.29 1.73 -15.69
C ARG A 289 39.88 0.32 -15.80
N HIS A 290 41.09 0.12 -15.28
CA HIS A 290 41.76 -1.18 -15.37
C HIS A 290 41.10 -2.32 -14.65
N LEU A 291 40.29 -1.98 -13.66
CA LEU A 291 39.51 -2.95 -12.93
C LEU A 291 38.17 -3.28 -13.55
N ILE A 292 37.78 -2.51 -14.56
CA ILE A 292 36.51 -2.70 -15.24
C ILE A 292 36.72 -3.44 -16.55
N VAL A 293 37.72 -3.04 -17.32
CA VAL A 293 37.92 -3.67 -18.65
C VAL A 293 38.38 -5.13 -18.56
N SER A 294 38.82 -5.55 -17.39
CA SER A 294 39.26 -6.92 -17.16
C SER A 294 38.15 -7.83 -16.66
N ARG A 295 36.95 -7.26 -16.41
CA ARG A 295 35.85 -8.09 -15.93
C ARG A 295 35.28 -9.03 -16.98
N SER A 296 34.78 -10.18 -16.51
CA SER A 296 34.05 -11.10 -17.34
C SER A 296 32.71 -10.52 -17.86
N THR A 297 32.31 -10.96 -19.05
CA THR A 297 30.98 -10.72 -19.55
C THR A 297 29.88 -11.26 -18.64
N GLN A 298 30.15 -12.31 -17.85
CA GLN A 298 29.22 -12.81 -16.82
C GLN A 298 29.07 -11.86 -15.59
N ALA A 299 30.03 -10.94 -15.47
CA ALA A 299 30.27 -10.18 -14.20
C ALA A 299 30.54 -8.71 -14.49
N PRO A 300 29.64 -8.05 -15.23
CA PRO A 300 29.87 -6.68 -15.53
C PRO A 300 29.83 -5.76 -14.26
N LEU A 301 30.50 -4.61 -14.33
CA LEU A 301 30.17 -3.47 -13.50
C LEU A 301 28.86 -2.87 -14.03
N ILE A 302 27.90 -2.63 -13.13
CA ILE A 302 26.68 -1.98 -13.46
C ILE A 302 26.69 -0.65 -12.73
N ILE A 303 26.92 0.43 -13.46
CA ILE A 303 27.01 1.76 -12.86
C ILE A 303 25.59 2.22 -12.58
N ARG A 304 25.37 2.75 -11.39
CA ARG A 304 24.03 3.14 -10.97
C ARG A 304 23.95 4.65 -10.63
N PRO A 305 23.42 5.44 -11.58
CA PRO A 305 23.03 6.80 -11.15
C PRO A 305 21.81 6.70 -10.28
N ASP A 306 21.49 7.73 -9.50
CA ASP A 306 20.32 7.65 -8.60
C ASP A 306 19.72 9.02 -8.31
N SER A 307 19.90 10.00 -9.20
CA SER A 307 19.46 11.37 -8.94
C SER A 307 19.51 12.18 -10.23
N GLY A 308 18.80 13.30 -10.21
CA GLY A 308 18.69 14.18 -11.33
C GLY A 308 17.58 13.76 -12.24
N ASN A 309 17.41 14.49 -13.34
CA ASN A 309 16.38 14.08 -14.30
C ASN A 309 16.72 12.70 -14.87
N PRO A 310 15.80 11.72 -14.77
CA PRO A 310 16.22 10.36 -15.10
C PRO A 310 16.67 10.18 -16.55
N LEU A 311 15.95 10.75 -17.51
CA LEU A 311 16.37 10.65 -18.92
C LEU A 311 17.65 11.39 -19.15
N ASP A 312 17.71 12.64 -18.71
CA ASP A 312 18.92 13.42 -18.98
C ASP A 312 20.14 12.77 -18.40
N THR A 313 19.96 12.21 -17.20
CA THR A 313 21.06 11.64 -16.45
C THR A 313 21.54 10.37 -17.14
N VAL A 314 20.58 9.51 -17.52
CA VAL A 314 20.97 8.32 -18.29
C VAL A 314 21.74 8.68 -19.56
N LEU A 315 21.23 9.62 -20.32
CA LEU A 315 21.87 9.98 -21.63
C LEU A 315 23.28 10.53 -21.42
N LYS A 316 23.46 11.34 -20.37
CA LYS A 316 24.77 11.95 -20.08
C LYS A 316 25.74 10.91 -19.58
N VAL A 317 25.27 9.98 -18.73
CA VAL A 317 26.08 8.90 -18.29
C VAL A 317 26.54 8.04 -19.49
N LEU A 318 25.62 7.71 -20.36
CA LEU A 318 26.00 6.87 -21.53
C LEU A 318 27.00 7.65 -22.42
N GLU A 319 26.76 8.94 -22.61
CA GLU A 319 27.67 9.78 -23.42
C GLU A 319 29.11 9.73 -22.84
N ILE A 320 29.23 9.91 -21.54
CA ILE A 320 30.54 9.86 -20.86
C ILE A 320 31.18 8.52 -21.01
N LEU A 321 30.43 7.45 -20.72
CA LEU A 321 30.97 6.14 -20.79
C LEU A 321 31.38 5.74 -22.22
N GLY A 322 30.62 6.18 -23.19
CA GLY A 322 30.93 5.89 -24.60
C GLY A 322 32.23 6.56 -25.08
N LYS A 323 32.66 7.59 -24.36
CA LYS A 323 33.94 8.31 -24.69
C LYS A 323 35.12 7.70 -23.95
N LYS A 324 34.89 6.93 -22.87
CA LYS A 324 35.95 6.39 -22.09
C LYS A 324 36.16 4.91 -22.32
N PHE A 325 35.15 4.25 -22.91
CA PHE A 325 35.16 2.82 -23.12
C PHE A 325 34.89 2.51 -24.59
N PRO A 326 35.40 1.38 -25.06
CA PRO A 326 35.17 1.06 -26.48
C PRO A 326 33.70 0.72 -26.75
N VAL A 327 33.06 1.47 -27.60
CA VAL A 327 31.67 1.24 -27.94
C VAL A 327 31.65 0.57 -29.30
N THR A 328 30.77 -0.39 -29.47
CA THR A 328 30.45 -0.95 -30.79
C THR A 328 29.08 -0.51 -31.32
N GLU A 329 28.82 -0.83 -32.59
CA GLU A 329 27.52 -0.56 -33.16
C GLU A 329 26.96 -1.90 -33.53
N ASN A 330 25.81 -2.23 -32.93
CA ASN A 330 25.22 -3.49 -33.17
C ASN A 330 24.59 -3.61 -34.55
N SER A 331 24.00 -4.77 -34.84
CA SER A 331 23.55 -5.03 -36.20
C SER A 331 22.33 -4.20 -36.58
N LYS A 332 21.68 -3.60 -35.59
CA LYS A 332 20.59 -2.67 -35.90
C LYS A 332 21.06 -1.22 -36.01
N GLY A 333 22.34 -0.92 -35.72
CA GLY A 333 22.83 0.48 -35.88
C GLY A 333 22.92 1.21 -34.52
N TYR A 334 22.68 0.50 -33.41
CA TYR A 334 22.64 1.12 -32.09
C TYR A 334 23.92 0.87 -31.37
N LYS A 335 24.30 1.87 -30.56
CA LYS A 335 25.54 1.85 -29.81
C LYS A 335 25.42 0.93 -28.63
N LEU A 336 26.52 0.23 -28.37
CA LEU A 336 26.57 -0.79 -27.34
C LEU A 336 27.86 -0.65 -26.56
N LEU A 337 27.75 -0.50 -25.25
CA LEU A 337 28.89 -0.54 -24.38
C LEU A 337 29.57 -1.88 -24.42
N PRO A 338 30.88 -1.94 -24.04
CA PRO A 338 31.47 -3.29 -23.90
C PRO A 338 30.78 -4.15 -22.88
N PRO A 339 30.94 -5.47 -23.00
CA PRO A 339 30.10 -6.35 -22.24
C PRO A 339 30.37 -6.35 -20.75
N TYR A 340 31.49 -5.83 -20.33
CA TYR A 340 31.80 -5.77 -18.90
C TYR A 340 31.25 -4.52 -18.21
N LEU A 341 30.47 -3.72 -18.95
CA LEU A 341 29.97 -2.44 -18.41
C LEU A 341 28.51 -2.19 -18.83
N ARG A 342 27.68 -1.92 -17.82
CA ARG A 342 26.29 -1.63 -18.07
C ARG A 342 25.83 -0.56 -17.10
N VAL A 343 24.56 -0.15 -17.26
CA VAL A 343 23.98 0.89 -16.43
C VAL A 343 22.69 0.39 -15.84
N ILE A 344 22.40 0.80 -14.60
CA ILE A 344 21.04 0.59 -14.00
C ILE A 344 20.52 1.90 -13.51
N GLN A 345 19.30 2.25 -13.96
CA GLN A 345 18.69 3.53 -13.51
C GLN A 345 17.57 3.06 -12.60
N GLY A 346 17.66 3.41 -11.34
CA GLY A 346 16.63 3.00 -10.44
C GLY A 346 16.09 4.06 -9.53
N ASP A 347 16.18 5.30 -9.99
CA ASP A 347 15.54 6.49 -9.37
C ASP A 347 14.47 7.08 -10.32
N GLY A 348 13.33 7.37 -9.74
CA GLY A 348 12.25 8.05 -10.45
C GLY A 348 11.60 7.19 -11.55
N VAL A 349 11.78 5.87 -11.50
CA VAL A 349 11.25 4.98 -12.55
C VAL A 349 9.81 4.54 -12.21
N ASP A 350 8.90 4.88 -13.12
CA ASP A 350 7.55 4.33 -13.12
C ASP A 350 7.23 4.09 -14.61
N ILE A 351 6.01 3.64 -14.91
CA ILE A 351 5.74 3.27 -16.28
C ILE A 351 5.87 4.43 -17.24
N ASN A 352 5.57 5.67 -16.80
CA ASN A 352 5.71 6.78 -17.68
C ASN A 352 7.15 7.16 -17.93
N THR A 353 7.97 7.23 -16.89
CA THR A 353 9.37 7.60 -17.10
C THR A 353 10.20 6.52 -17.80
N LEU A 354 9.80 5.29 -17.57
CA LEU A 354 10.43 4.16 -18.23
C LEU A 354 10.30 4.36 -19.74
N GLN A 355 9.09 4.62 -20.19
CA GLN A 355 8.85 4.90 -21.59
C GLN A 355 9.67 6.08 -22.09
N GLU A 356 9.68 7.15 -21.33
CA GLU A 356 10.47 8.34 -21.71
C GLU A 356 11.96 8.01 -21.92
N ILE A 357 12.48 7.23 -20.98
CA ILE A 357 13.91 6.94 -20.97
C ILE A 357 14.27 6.01 -22.16
N VAL A 358 13.49 4.95 -22.37
CA VAL A 358 13.84 4.07 -23.54
C VAL A 358 13.66 4.80 -24.88
N GLU A 359 12.61 5.65 -24.98
CA GLU A 359 12.46 6.41 -26.19
C GLU A 359 13.60 7.40 -26.41
N GLY A 360 14.01 8.07 -25.36
CA GLY A 360 15.14 8.99 -25.40
C GLY A 360 16.44 8.31 -25.82
N MET A 361 16.65 7.13 -25.25
CA MET A 361 17.80 6.26 -25.62
C MET A 361 17.76 5.97 -27.10
N LYS A 362 16.59 5.50 -27.56
CA LYS A 362 16.44 5.12 -28.96
C LYS A 362 16.75 6.30 -29.84
N GLN A 363 16.27 7.50 -29.48
CA GLN A 363 16.51 8.69 -30.31
C GLN A 363 17.97 9.04 -30.40
N LYS A 364 18.74 8.77 -29.35
CA LYS A 364 20.17 9.05 -29.30
C LYS A 364 21.01 7.81 -29.73
N MET A 365 20.33 6.84 -30.37
CA MET A 365 20.99 5.64 -30.92
C MET A 365 21.72 4.77 -29.89
N TRP A 366 21.20 4.71 -28.66
CA TRP A 366 21.72 3.80 -27.65
C TRP A 366 20.84 2.57 -27.57
N SER A 367 21.43 1.41 -27.62
CA SER A 367 20.69 0.18 -27.50
C SER A 367 20.12 0.05 -26.08
N ILE A 368 18.92 -0.51 -25.98
CA ILE A 368 18.37 -0.80 -24.65
C ILE A 368 19.13 -1.95 -23.99
N GLU A 369 19.97 -2.69 -24.76
CA GLU A 369 20.88 -3.65 -24.17
C GLU A 369 21.78 -3.04 -23.09
N ASN A 370 22.02 -1.75 -23.19
CA ASN A 370 22.95 -1.09 -22.29
C ASN A 370 22.43 -0.93 -20.86
N ILE A 371 21.12 -0.99 -20.70
CA ILE A 371 20.48 -0.54 -19.47
C ILE A 371 19.55 -1.59 -18.87
N ALA A 372 19.47 -1.56 -17.54
CA ALA A 372 18.40 -2.18 -16.79
C ALA A 372 17.77 -1.09 -15.89
N PHE A 373 16.60 -1.41 -15.38
CA PHE A 373 15.90 -0.44 -14.55
C PHE A 373 15.59 -1.05 -13.20
N GLY A 374 15.57 -0.18 -12.19
CA GLY A 374 15.05 -0.53 -10.86
C GLY A 374 13.84 0.36 -10.62
N SER A 375 12.86 -0.18 -9.91
CA SER A 375 11.70 0.66 -9.59
C SER A 375 11.20 0.23 -8.21
N GLY A 376 10.89 1.21 -7.36
CA GLY A 376 10.51 0.94 -5.98
C GLY A 376 9.07 1.35 -5.79
N GLY A 377 8.85 2.60 -5.34
CA GLY A 377 7.49 3.08 -5.14
C GLY A 377 6.61 2.98 -6.39
N GLY A 378 7.18 3.34 -7.55
CA GLY A 378 6.42 3.24 -8.78
C GLY A 378 5.91 1.84 -9.14
N LEU A 379 6.68 0.83 -8.74
CA LEU A 379 6.35 -0.53 -9.02
C LEU A 379 5.35 -1.13 -8.04
N LEU A 380 5.54 -0.82 -6.76
CA LEU A 380 4.78 -1.52 -5.73
C LEU A 380 3.82 -0.65 -4.90
N GLN A 381 4.00 0.65 -4.90
CA GLN A 381 3.21 1.47 -4.00
C GLN A 381 2.33 2.48 -4.68
N LYS A 382 2.79 3.08 -5.76
CA LYS A 382 2.09 4.16 -6.43
C LYS A 382 1.01 3.58 -7.42
N LEU A 383 0.07 2.88 -6.81
CA LEU A 383 -1.02 2.17 -7.49
C LEU A 383 -2.20 2.16 -6.56
N THR A 384 -3.43 2.30 -7.11
CA THR A 384 -4.64 2.27 -6.31
C THR A 384 -5.67 1.40 -6.98
N ARG A 385 -6.72 1.08 -6.25
CA ARG A 385 -7.79 0.27 -6.76
C ARG A 385 -8.54 0.89 -7.91
N ASP A 386 -8.50 2.21 -8.01
CA ASP A 386 -9.18 2.84 -9.12
C ASP A 386 -8.42 2.90 -10.44
N LEU A 387 -7.14 2.51 -10.44
CA LEU A 387 -6.41 2.40 -11.68
C LEU A 387 -7.11 1.47 -12.69
N LEU A 388 -7.47 0.25 -12.26
CA LEU A 388 -8.17 -0.71 -13.12
C LEU A 388 -9.64 -0.83 -12.75
N ASN A 389 -10.11 0.00 -11.83
CA ASN A 389 -11.50 -0.05 -11.33
C ASN A 389 -11.90 -1.44 -10.88
N CYS A 390 -11.04 -2.06 -10.08
CA CYS A 390 -11.29 -3.36 -9.52
C CYS A 390 -12.45 -3.25 -8.53
N SER A 391 -13.50 -4.06 -8.71
CA SER A 391 -14.73 -3.80 -8.02
C SER A 391 -15.56 -5.07 -7.87
N PHE A 392 -16.32 -5.17 -6.78
CA PHE A 392 -17.10 -6.36 -6.46
C PHE A 392 -18.53 -5.92 -6.28
N LYS A 393 -19.48 -6.59 -6.94
CA LYS A 393 -20.88 -6.20 -6.91
C LYS A 393 -21.80 -7.41 -6.90
N CYS A 394 -22.94 -7.27 -6.21
CA CYS A 394 -24.00 -8.29 -6.27
C CYS A 394 -24.70 -8.13 -7.63
N SER A 395 -24.81 -9.28 -8.36
CA SER A 395 -25.53 -9.32 -9.65
C SER A 395 -26.76 -10.23 -9.67
N TYR A 396 -26.93 -11.03 -8.64
CA TYR A 396 -28.05 -11.99 -8.65
C TYR A 396 -28.42 -12.30 -7.21
N VAL A 397 -29.72 -12.37 -6.95
CA VAL A 397 -30.21 -12.87 -5.66
C VAL A 397 -31.38 -13.82 -5.93
N VAL A 398 -31.61 -14.69 -4.96
CA VAL A 398 -32.85 -15.51 -4.93
C VAL A 398 -33.65 -15.07 -3.72
N THR A 399 -34.87 -14.55 -3.99
CA THR A 399 -35.79 -14.13 -2.93
C THR A 399 -37.14 -14.78 -3.14
N ASN A 400 -37.69 -15.37 -2.09
CA ASN A 400 -38.88 -16.21 -2.24
C ASN A 400 -38.81 -17.23 -3.35
N GLY A 401 -37.66 -17.86 -3.44
CA GLY A 401 -37.34 -18.84 -4.42
C GLY A 401 -37.30 -18.39 -5.86
N LEU A 402 -37.29 -17.08 -6.11
CA LEU A 402 -37.24 -16.60 -7.47
C LEU A 402 -35.90 -15.83 -7.65
N GLY A 403 -35.16 -16.20 -8.69
CA GLY A 403 -33.90 -15.45 -8.99
C GLY A 403 -34.19 -14.13 -9.63
N ILE A 404 -33.49 -13.06 -9.22
CA ILE A 404 -33.68 -11.79 -9.85
C ILE A 404 -32.28 -11.21 -10.17
N ASN A 405 -32.19 -10.55 -11.32
CA ASN A 405 -30.97 -9.95 -11.82
C ASN A 405 -30.89 -8.58 -11.17
N VAL A 406 -29.79 -8.32 -10.48
CA VAL A 406 -29.66 -7.07 -9.82
C VAL A 406 -28.38 -6.35 -10.23
N PHE A 407 -28.40 -5.06 -10.03
CA PHE A 407 -27.38 -4.19 -10.59
C PHE A 407 -27.54 -2.78 -10.05
N LYS A 408 -26.45 -2.03 -10.17
CA LYS A 408 -26.48 -0.58 -9.98
C LYS A 408 -26.31 0.12 -11.37
N ASP A 409 -26.80 1.36 -11.45
CA ASP A 409 -26.73 2.16 -12.69
C ASP A 409 -26.89 3.62 -12.37
N PRO A 410 -25.85 4.21 -11.73
CA PRO A 410 -26.02 5.59 -11.23
C PRO A 410 -26.21 6.54 -12.38
N VAL A 411 -27.18 7.42 -12.24
CA VAL A 411 -27.57 8.28 -13.36
C VAL A 411 -26.40 9.14 -13.84
N ALA A 412 -25.60 9.62 -12.89
CA ALA A 412 -24.47 10.53 -13.22
C ALA A 412 -23.16 9.83 -13.61
N ASP A 413 -23.13 8.50 -13.61
CA ASP A 413 -21.88 7.83 -13.97
C ASP A 413 -22.11 6.48 -14.55
N PRO A 414 -22.38 6.40 -15.89
CA PRO A 414 -22.54 5.12 -16.55
C PRO A 414 -21.37 4.15 -16.41
N ASN A 415 -20.16 4.67 -16.14
CA ASN A 415 -19.04 3.80 -15.96
C ASN A 415 -19.18 2.93 -14.72
N LYS A 416 -20.05 3.34 -13.79
CA LYS A 416 -20.32 2.53 -12.58
C LYS A 416 -21.50 1.55 -12.72
N ARG A 417 -22.10 1.45 -13.89
CA ARG A 417 -23.10 0.41 -14.11
C ARG A 417 -22.48 -0.97 -13.95
N SER A 418 -23.15 -1.84 -13.19
CA SER A 418 -22.71 -3.19 -12.97
C SER A 418 -23.52 -4.21 -13.82
N LYS A 419 -22.98 -5.40 -13.91
CA LYS A 419 -23.55 -6.49 -14.70
C LYS A 419 -24.75 -7.15 -13.99
N LYS A 420 -25.56 -7.84 -14.79
CA LYS A 420 -26.85 -8.35 -14.31
C LYS A 420 -26.85 -9.84 -14.36
N GLY A 421 -27.31 -10.46 -13.31
CA GLY A 421 -27.54 -11.86 -13.26
C GLY A 421 -26.36 -12.77 -13.12
N ARG A 422 -26.59 -14.05 -13.40
CA ARG A 422 -25.55 -15.05 -13.30
C ARG A 422 -24.58 -14.90 -14.48
N LEU A 423 -23.29 -14.92 -14.19
CA LEU A 423 -22.27 -14.54 -15.16
C LEU A 423 -21.41 -15.71 -15.51
N SER A 424 -20.81 -15.66 -16.70
CA SER A 424 -19.90 -16.66 -17.13
C SER A 424 -18.93 -15.99 -18.14
N LEU A 425 -17.72 -16.51 -18.24
CA LEU A 425 -16.66 -15.97 -19.10
C LEU A 425 -16.31 -16.98 -20.21
N HIS A 426 -16.28 -16.50 -21.42
CA HIS A 426 -16.09 -17.37 -22.59
C HIS A 426 -15.09 -16.80 -23.60
N ARG A 427 -14.50 -17.68 -24.39
CA ARG A 427 -13.82 -17.27 -25.64
C ARG A 427 -14.86 -16.98 -26.65
N THR A 428 -14.57 -15.95 -27.45
CA THR A 428 -15.41 -15.61 -28.59
C THR A 428 -14.93 -16.36 -29.85
N PRO A 429 -15.75 -16.36 -30.93
CA PRO A 429 -15.29 -17.10 -32.13
C PRO A 429 -13.98 -16.56 -32.68
N ALA A 430 -13.66 -15.25 -32.49
CA ALA A 430 -12.40 -14.70 -32.93
C ALA A 430 -11.31 -14.82 -31.91
N GLY A 431 -11.57 -15.56 -30.81
CA GLY A 431 -10.55 -15.78 -29.80
C GLY A 431 -10.40 -14.68 -28.75
N ASN A 432 -11.36 -13.76 -28.65
CA ASN A 432 -11.30 -12.72 -27.63
C ASN A 432 -12.08 -13.28 -26.44
N PHE A 433 -12.54 -12.39 -25.58
CA PHE A 433 -13.29 -12.83 -24.38
C PHE A 433 -14.63 -12.11 -24.35
N VAL A 434 -15.65 -12.77 -23.78
CA VAL A 434 -16.94 -12.13 -23.55
C VAL A 434 -17.46 -12.57 -22.19
N THR A 435 -18.10 -11.66 -21.44
CA THR A 435 -18.79 -12.07 -20.23
C THR A 435 -20.30 -12.10 -20.57
N LEU A 436 -20.88 -13.29 -20.43
CA LEU A 436 -22.37 -13.42 -20.65
C LEU A 436 -23.12 -13.17 -19.35
N GLU A 437 -24.16 -12.38 -19.43
CA GLU A 437 -24.94 -12.01 -18.28
C GLU A 437 -26.28 -12.74 -18.29
N GLU A 438 -27.02 -12.62 -17.19
CA GLU A 438 -28.43 -13.09 -17.10
C GLU A 438 -28.51 -14.60 -17.32
N GLY A 439 -27.43 -15.34 -17.01
CA GLY A 439 -27.41 -16.77 -17.09
C GLY A 439 -27.38 -17.27 -18.50
N LYS A 440 -27.07 -16.41 -19.46
CA LYS A 440 -27.00 -16.79 -20.87
C LYS A 440 -25.93 -17.80 -21.20
N GLY A 441 -24.90 -17.95 -20.35
CA GLY A 441 -23.92 -19.02 -20.48
C GLY A 441 -24.58 -20.40 -20.55
N ASP A 442 -25.73 -20.54 -19.89
CA ASP A 442 -26.45 -21.83 -19.84
C ASP A 442 -26.96 -22.26 -21.21
N LEU A 443 -27.12 -21.31 -22.12
CA LEU A 443 -27.46 -21.64 -23.51
C LEU A 443 -26.39 -22.37 -24.25
N GLU A 444 -25.14 -22.32 -23.77
CA GLU A 444 -24.02 -23.01 -24.37
C GLU A 444 -23.80 -22.66 -25.83
N GLU A 445 -23.96 -21.37 -26.16
CA GLU A 445 -23.67 -20.90 -27.53
C GLU A 445 -22.22 -20.55 -27.70
N TYR A 446 -21.47 -20.52 -26.60
CA TYR A 446 -20.13 -19.96 -26.57
C TYR A 446 -19.12 -20.85 -25.89
N GLY A 447 -19.31 -22.15 -25.89
CA GLY A 447 -18.20 -22.98 -25.39
C GLY A 447 -18.04 -22.79 -23.87
N GLN A 448 -16.99 -23.40 -23.34
CA GLN A 448 -17.01 -23.67 -21.94
C GLN A 448 -16.75 -22.36 -21.11
N ASP A 449 -17.37 -22.29 -19.96
CA ASP A 449 -17.08 -21.18 -19.03
C ASP A 449 -15.64 -21.32 -18.60
N LEU A 450 -14.89 -20.24 -18.64
CA LEU A 450 -13.48 -20.20 -18.21
C LEU A 450 -13.33 -20.01 -16.71
N LEU A 451 -14.41 -19.72 -15.98
CA LEU A 451 -14.37 -19.69 -14.52
C LEU A 451 -14.39 -21.09 -14.01
N HIS A 452 -13.47 -21.39 -13.15
CA HIS A 452 -13.43 -22.69 -12.44
C HIS A 452 -13.64 -22.58 -10.94
N THR A 453 -14.27 -23.56 -10.31
CA THR A 453 -14.36 -23.50 -8.86
C THR A 453 -13.02 -23.64 -8.22
N VAL A 454 -12.67 -22.64 -7.41
CA VAL A 454 -11.40 -22.62 -6.73
C VAL A 454 -11.55 -22.72 -5.24
N PHE A 455 -12.77 -22.45 -4.73
CA PHE A 455 -13.03 -22.56 -3.28
C PHE A 455 -14.47 -23.01 -3.13
N LYS A 456 -14.66 -23.98 -2.24
CA LYS A 456 -16.00 -24.43 -1.96
C LYS A 456 -16.07 -24.98 -0.54
N ASN A 457 -16.96 -24.45 0.26
CA ASN A 457 -17.25 -24.94 1.57
C ASN A 457 -15.99 -25.15 2.40
N GLY A 458 -15.13 -24.14 2.40
CA GLY A 458 -13.93 -24.13 3.27
C GLY A 458 -12.68 -24.78 2.70
N LYS A 459 -12.76 -25.29 1.48
CA LYS A 459 -11.67 -25.98 0.84
C LYS A 459 -11.27 -25.31 -0.44
N VAL A 460 -9.96 -25.25 -0.64
CA VAL A 460 -9.41 -24.79 -1.88
C VAL A 460 -9.47 -25.96 -2.86
N THR A 461 -10.19 -25.81 -3.94
CA THR A 461 -10.49 -26.94 -4.82
C THR A 461 -9.67 -27.02 -6.09
N LYS A 462 -8.94 -25.96 -6.40
CA LYS A 462 -8.13 -25.86 -7.63
C LYS A 462 -7.06 -24.83 -7.38
N SER A 463 -5.82 -25.20 -7.66
CA SER A 463 -4.64 -24.38 -7.37
C SER A 463 -3.75 -24.34 -8.62
N TYR A 464 -2.92 -23.31 -8.68
CA TYR A 464 -2.02 -23.08 -9.79
C TYR A 464 -0.64 -22.94 -9.24
N SER A 465 0.32 -23.50 -9.93
CA SER A 465 1.73 -23.22 -9.55
C SER A 465 2.13 -21.83 -10.07
N PHE A 466 3.21 -21.31 -9.49
CA PHE A 466 3.75 -20.07 -9.99
C PHE A 466 4.27 -20.19 -11.44
N ASP A 467 4.80 -21.37 -11.77
CA ASP A 467 5.22 -21.64 -13.13
C ASP A 467 4.09 -21.50 -14.12
N GLU A 468 2.95 -22.04 -13.80
CA GLU A 468 1.80 -21.99 -14.70
C GLU A 468 1.30 -20.60 -14.84
N ILE A 469 1.32 -19.90 -13.72
CA ILE A 469 0.92 -18.47 -13.74
C ILE A 469 1.79 -17.63 -14.69
N ARG A 470 3.11 -17.79 -14.58
CA ARG A 470 4.03 -17.13 -15.46
C ARG A 470 3.77 -17.47 -16.89
N LYS A 471 3.53 -18.78 -17.14
CA LYS A 471 3.21 -19.20 -18.55
C LYS A 471 2.00 -18.46 -19.08
N ASN A 472 0.95 -18.45 -18.25
CA ASN A 472 -0.31 -17.81 -18.66
C ASN A 472 -0.15 -16.30 -18.96
N ALA A 473 0.77 -15.67 -18.21
CA ALA A 473 0.95 -14.23 -18.30
C ALA A 473 1.99 -13.79 -19.29
N GLN A 474 2.53 -14.71 -20.07
CA GLN A 474 3.53 -14.30 -21.07
C GLN A 474 3.03 -13.32 -22.10
N LEU A 475 3.94 -12.54 -22.63
CA LEU A 475 3.58 -11.57 -23.67
C LEU A 475 3.46 -12.35 -24.99
N ASN A 476 2.65 -11.85 -25.90
CA ASN A 476 2.59 -12.39 -27.28
C ASN A 476 3.93 -12.38 -28.01
N ILE A 477 4.64 -11.26 -27.91
CA ILE A 477 6.00 -11.07 -28.51
C ILE A 477 7.01 -12.13 -28.07
N GLU A 478 6.89 -12.59 -26.79
CA GLU A 478 7.58 -13.77 -26.22
C GLU A 478 7.02 -15.11 -26.74
N LEU A 479 5.70 -15.20 -26.90
CA LEU A 479 5.09 -16.28 -27.67
C LEU A 479 5.65 -16.28 -29.13
N GLU A 480 5.54 -15.14 -29.84
CA GLU A 480 6.11 -14.93 -31.19
C GLU A 480 7.62 -14.73 -31.15
N GLU B 1 6.48 -18.18 9.95
CA GLU B 1 6.94 -17.18 10.95
C GLU B 1 7.90 -16.12 10.36
N PHE B 2 7.82 -14.91 10.89
CA PHE B 2 8.59 -13.83 10.34
C PHE B 2 10.09 -14.06 10.70
N ASN B 3 10.94 -13.80 9.71
CA ASN B 3 12.36 -13.92 9.86
C ASN B 3 13.06 -12.68 9.42
N ILE B 4 13.57 -11.96 10.40
CA ILE B 4 14.23 -10.69 10.14
C ILE B 4 15.44 -10.79 9.21
N LEU B 5 16.05 -11.99 9.14
CA LEU B 5 17.15 -12.21 8.24
C LEU B 5 16.71 -12.24 6.77
N LEU B 6 15.41 -12.39 6.56
CA LEU B 6 14.80 -12.37 5.24
C LEU B 6 13.91 -11.13 5.02
N ALA B 7 14.09 -10.12 5.84
CA ALA B 7 13.25 -8.92 5.84
C ALA B 7 14.05 -7.65 5.60
N THR B 8 14.99 -7.76 4.67
CA THR B 8 15.82 -6.65 4.20
C THR B 8 15.88 -6.71 2.64
N ASP B 9 16.30 -5.61 2.05
CA ASP B 9 16.56 -5.58 0.63
C ASP B 9 17.71 -6.54 0.34
N SER B 10 17.61 -7.30 -0.73
CA SER B 10 18.68 -8.24 -1.07
C SER B 10 20.07 -7.63 -1.01
N TYR B 11 20.29 -6.47 -1.62
CA TYR B 11 21.64 -5.95 -1.67
C TYR B 11 22.30 -5.74 -0.31
N LYS B 12 21.46 -5.51 0.71
CA LYS B 12 21.96 -5.30 2.10
C LYS B 12 22.59 -6.58 2.65
N VAL B 13 22.23 -7.75 2.11
CA VAL B 13 22.89 -8.98 2.51
C VAL B 13 24.42 -8.89 2.24
N THR B 14 24.77 -8.10 1.23
CA THR B 14 26.17 -8.00 0.72
C THR B 14 26.94 -6.81 1.26
N HIS B 15 26.26 -5.97 2.05
CA HIS B 15 26.90 -4.75 2.54
C HIS B 15 28.03 -4.90 3.57
N TYR B 16 27.95 -5.97 4.34
CA TYR B 16 28.99 -6.21 5.38
C TYR B 16 30.35 -6.34 4.76
N LYS B 17 30.43 -6.69 3.48
CA LYS B 17 31.69 -6.80 2.75
C LYS B 17 32.12 -5.46 2.11
N GLN B 18 31.33 -4.39 2.25
CA GLN B 18 31.53 -3.13 1.49
C GLN B 18 31.96 -1.94 2.31
N TYR B 19 31.69 -1.99 3.61
CA TYR B 19 32.07 -0.88 4.47
C TYR B 19 33.64 -0.88 4.61
N PRO B 20 34.20 0.25 5.06
CA PRO B 20 35.66 0.28 5.26
C PRO B 20 36.06 -0.75 6.29
N PRO B 21 37.15 -1.46 6.03
CA PRO B 21 37.67 -2.36 7.07
C PRO B 21 37.81 -1.66 8.45
N ASN B 22 37.59 -2.39 9.52
CA ASN B 22 37.69 -1.88 10.87
C ASN B 22 36.71 -0.80 11.23
N THR B 23 35.52 -0.91 10.63
CA THR B 23 34.43 -0.02 11.01
C THR B 23 33.69 -0.66 12.19
N SER B 24 33.60 0.09 13.28
CA SER B 24 33.03 -0.40 14.52
C SER B 24 31.66 0.21 14.80
N LYS B 25 31.35 1.28 14.05
CA LYS B 25 30.07 1.98 14.28
C LYS B 25 29.53 2.49 12.96
N VAL B 26 28.26 2.19 12.73
CA VAL B 26 27.48 2.84 11.67
C VAL B 26 26.26 3.43 12.41
N TYR B 27 26.11 4.72 12.19
CA TYR B 27 25.09 5.57 12.78
C TYR B 27 24.28 6.22 11.66
N SER B 28 22.97 5.97 11.75
CA SER B 28 22.04 6.41 10.74
C SER B 28 20.82 7.11 11.31
N TYR B 29 20.11 7.87 10.45
CA TYR B 29 18.95 8.63 10.92
C TYR B 29 17.86 8.61 9.85
N PHE B 30 16.67 8.96 10.32
CA PHE B 30 15.47 9.10 9.54
C PHE B 30 14.97 10.49 9.61
N GLU B 31 14.63 11.04 8.45
CA GLU B 31 13.94 12.33 8.38
C GLU B 31 12.87 12.31 7.27
N CYS B 32 11.98 13.29 7.31
CA CYS B 32 11.07 13.56 6.18
C CYS B 32 11.67 14.77 5.48
N ARG B 33 12.53 14.51 4.53
CA ARG B 33 13.42 15.51 3.94
C ARG B 33 12.63 16.67 3.43
N GLU B 34 13.20 17.83 3.65
CA GLU B 34 12.65 19.01 3.14
C GLU B 34 12.85 19.06 1.63
N LYS B 35 11.94 19.74 1.00
CA LYS B 35 11.98 19.95 -0.41
C LYS B 35 12.01 21.39 -0.84
N LYS B 46 3.23 22.94 1.37
CA LYS B 46 2.40 21.75 1.41
C LYS B 46 3.19 20.63 2.17
N TYR B 47 2.49 20.07 3.10
CA TYR B 47 3.05 19.19 4.06
C TYR B 47 4.34 19.69 4.77
N GLU B 48 4.22 20.81 5.42
CA GLU B 48 5.36 21.40 6.11
C GLU B 48 5.70 20.71 7.40
N GLU B 49 4.77 19.96 7.98
CA GLU B 49 4.98 19.33 9.31
C GLU B 49 4.40 17.93 9.32
N THR B 50 5.08 17.00 9.97
CA THR B 50 4.65 15.61 9.91
C THR B 50 4.37 15.10 11.30
N VAL B 51 3.40 14.23 11.40
CA VAL B 51 3.04 13.56 12.62
C VAL B 51 3.97 12.30 12.70
N PHE B 52 4.79 12.18 13.74
CA PHE B 52 5.62 10.99 13.92
C PHE B 52 4.84 9.86 14.56
N TYR B 53 4.55 8.79 13.82
CA TYR B 53 3.71 7.73 14.38
C TYR B 53 4.07 6.44 13.68
N GLY B 54 4.19 5.35 14.43
CA GLY B 54 4.16 4.01 13.89
C GLY B 54 5.39 3.18 14.20
N LEU B 55 6.43 3.85 14.71
CA LEU B 55 7.66 3.17 15.04
C LEU B 55 7.44 2.11 16.09
N GLN B 56 6.63 2.45 17.08
CA GLN B 56 6.42 1.54 18.22
C GLN B 56 5.86 0.21 17.77
N TYR B 57 4.99 0.24 16.76
CA TYR B 57 4.43 -1.00 16.18
C TYR B 57 5.58 -1.85 15.66
N ILE B 58 6.49 -1.24 14.90
CA ILE B 58 7.56 -1.97 14.24
C ILE B 58 8.53 -2.54 15.32
N LEU B 59 8.89 -1.69 16.29
CA LEU B 59 9.77 -2.18 17.37
C LEU B 59 9.23 -3.43 18.05
N ASN B 60 7.96 -3.41 18.40
CA ASN B 60 7.35 -4.52 19.10
C ASN B 60 7.10 -5.73 18.24
N LYS B 61 6.59 -5.50 17.00
CA LYS B 61 6.20 -6.65 16.22
C LYS B 61 7.37 -7.38 15.64
N TYR B 62 8.41 -6.63 15.24
CA TYR B 62 9.48 -7.15 14.45
C TYR B 62 10.87 -7.14 15.04
N LEU B 63 11.19 -6.16 15.90
CA LEU B 63 12.54 -5.97 16.32
C LEU B 63 12.90 -6.45 17.70
N LYS B 64 11.93 -6.52 18.60
CA LYS B 64 12.27 -6.80 20.02
C LYS B 64 12.37 -8.29 20.28
N GLY B 65 13.12 -8.58 21.36
CA GLY B 65 13.19 -9.99 21.80
C GLY B 65 14.11 -10.85 20.98
N LYS B 66 13.93 -12.16 21.10
CA LYS B 66 14.83 -13.07 20.38
C LYS B 66 14.35 -13.18 18.97
N VAL B 67 15.01 -12.45 18.07
CA VAL B 67 14.62 -12.43 16.64
C VAL B 67 15.51 -13.27 15.78
N VAL B 68 16.58 -13.85 16.36
CA VAL B 68 17.49 -14.71 15.60
C VAL B 68 17.43 -16.10 16.23
N THR B 69 17.32 -17.13 15.41
CA THR B 69 17.46 -18.51 15.89
C THR B 69 18.33 -19.30 14.93
N LYS B 70 18.82 -20.49 15.37
CA LYS B 70 19.57 -21.31 14.44
C LYS B 70 18.75 -21.62 13.22
N GLU B 71 17.48 -21.91 13.37
CA GLU B 71 16.64 -22.29 12.21
C GLU B 71 16.51 -21.08 11.25
N LYS B 72 16.38 -19.90 11.80
CA LYS B 72 16.25 -18.69 10.92
C LYS B 72 17.50 -18.41 10.16
N ILE B 73 18.65 -18.61 10.82
CA ILE B 73 19.91 -18.45 10.13
C ILE B 73 20.04 -19.47 8.99
N GLN B 74 19.76 -20.76 9.30
CA GLN B 74 19.81 -21.77 8.23
C GLN B 74 18.85 -21.51 7.05
N GLU B 75 17.62 -21.07 7.34
CA GLU B 75 16.63 -20.76 6.31
C GLU B 75 17.18 -19.65 5.42
N ALA B 76 17.67 -18.57 6.06
CA ALA B 76 18.22 -17.47 5.31
C ALA B 76 19.38 -17.88 4.43
N LYS B 77 20.31 -18.59 5.02
CA LYS B 77 21.46 -19.15 4.28
C LYS B 77 21.01 -19.90 3.01
N ASP B 78 20.06 -20.80 3.17
CA ASP B 78 19.62 -21.63 2.07
C ASP B 78 18.92 -20.80 0.99
N VAL B 79 18.11 -19.82 1.42
CA VAL B 79 17.40 -18.95 0.44
C VAL B 79 18.39 -18.08 -0.34
N TYR B 80 19.30 -17.43 0.37
CA TYR B 80 20.25 -16.54 -0.26
C TYR B 80 21.22 -17.27 -1.19
N LYS B 81 21.57 -18.50 -0.81
CA LYS B 81 22.44 -19.25 -1.71
C LYS B 81 21.81 -19.38 -3.09
N GLU B 82 20.50 -19.62 -3.13
CA GLU B 82 19.82 -19.73 -4.45
C GLU B 82 19.47 -18.40 -5.08
N HIS B 83 19.14 -17.42 -4.22
CA HIS B 83 18.79 -16.05 -4.69
C HIS B 83 19.93 -15.30 -5.34
N PHE B 84 21.14 -15.44 -4.79
CA PHE B 84 22.36 -14.89 -5.33
C PHE B 84 23.19 -15.84 -6.18
N GLN B 85 22.78 -17.09 -6.20
CA GLN B 85 23.56 -18.13 -6.90
C GLN B 85 25.00 -18.05 -6.41
N ASP B 86 25.14 -17.94 -5.10
CA ASP B 86 26.43 -17.67 -4.49
C ASP B 86 26.27 -17.58 -3.00
N ASP B 87 27.36 -17.79 -2.28
CA ASP B 87 27.33 -17.77 -0.82
C ASP B 87 27.91 -16.42 -0.43
N VAL B 88 27.02 -15.46 -0.26
CA VAL B 88 27.38 -14.16 0.21
C VAL B 88 26.80 -13.82 1.59
N PHE B 89 25.93 -14.62 2.11
CA PHE B 89 25.30 -14.37 3.41
C PHE B 89 26.22 -14.38 4.63
N ASN B 90 26.10 -13.34 5.47
CA ASN B 90 26.92 -13.22 6.70
C ASN B 90 26.47 -14.18 7.83
N GLU B 91 26.63 -15.47 7.61
CA GLU B 91 26.20 -16.46 8.59
C GLU B 91 26.91 -16.22 9.94
N LYS B 92 28.22 -15.97 9.89
CA LYS B 92 28.99 -15.76 11.10
C LYS B 92 28.46 -14.58 11.92
N GLY B 93 28.11 -13.51 11.19
CA GLY B 93 27.66 -12.27 11.82
C GLY B 93 26.39 -12.51 12.56
N TRP B 94 25.46 -13.22 11.94
CA TRP B 94 24.19 -13.52 12.59
C TRP B 94 24.35 -14.51 13.75
N ASN B 95 25.27 -15.44 13.54
CA ASN B 95 25.56 -16.38 14.62
C ASN B 95 26.11 -15.76 15.89
N TYR B 96 26.91 -14.73 15.72
CA TYR B 96 27.46 -13.96 16.80
C TYR B 96 26.33 -13.34 17.63
N ILE B 97 25.32 -12.78 16.94
CA ILE B 97 24.22 -12.23 17.66
C ILE B 97 23.45 -13.29 18.44
N LEU B 98 23.18 -14.37 17.76
CA LEU B 98 22.53 -15.50 18.40
C LEU B 98 23.32 -15.88 19.70
N GLU B 99 24.61 -16.07 19.54
CA GLU B 99 25.45 -16.64 20.67
C GLU B 99 25.71 -15.65 21.79
N LYS B 100 26.03 -14.42 21.44
CA LYS B 100 26.39 -13.42 22.39
C LYS B 100 25.19 -12.78 23.07
N TYR B 101 24.08 -12.59 22.34
CA TYR B 101 22.99 -11.80 22.86
C TYR B 101 21.70 -12.57 22.88
N ASP B 102 21.78 -13.90 22.79
CA ASP B 102 20.62 -14.75 22.75
C ASP B 102 19.62 -14.24 21.67
N GLY B 103 20.19 -13.80 20.55
CA GLY B 103 19.40 -13.41 19.39
C GLY B 103 18.68 -12.09 19.50
N HIS B 104 19.06 -11.26 20.47
CA HIS B 104 18.52 -9.87 20.65
C HIS B 104 19.44 -8.91 19.92
N LEU B 105 18.84 -8.02 19.14
CA LEU B 105 19.60 -7.09 18.34
C LEU B 105 20.38 -6.07 19.13
N PRO B 106 21.72 -6.00 18.90
CA PRO B 106 22.54 -4.98 19.65
C PRO B 106 22.53 -3.63 18.94
N ILE B 107 21.37 -2.98 19.07
CA ILE B 107 21.02 -1.74 18.40
C ILE B 107 20.40 -0.82 19.43
N GLU B 108 20.70 0.46 19.27
CA GLU B 108 20.06 1.51 20.02
C GLU B 108 19.33 2.47 19.05
N ILE B 109 18.03 2.66 19.31
CA ILE B 109 17.19 3.61 18.53
C ILE B 109 16.70 4.72 19.47
N LYS B 110 16.92 5.94 19.08
CA LYS B 110 16.41 7.14 19.76
C LYS B 110 15.37 7.73 18.85
N ALA B 111 14.30 8.22 19.45
CA ALA B 111 13.20 8.76 18.65
C ALA B 111 12.45 9.90 19.30
N VAL B 112 11.89 10.78 18.47
CA VAL B 112 10.98 11.79 18.93
C VAL B 112 9.68 11.11 19.42
N PRO B 113 9.01 11.63 20.47
CA PRO B 113 7.79 10.99 20.94
C PRO B 113 6.71 10.85 19.86
N GLU B 114 6.05 9.73 19.90
CA GLU B 114 4.99 9.48 18.96
C GLU B 114 3.84 10.47 19.14
N GLY B 115 3.30 10.88 17.98
CA GLY B 115 2.26 11.88 17.87
C GLY B 115 2.84 13.27 17.77
N PHE B 116 4.16 13.45 18.02
CA PHE B 116 4.74 14.73 17.89
C PHE B 116 4.61 15.23 16.43
N VAL B 117 4.40 16.54 16.26
CA VAL B 117 4.22 17.18 15.00
C VAL B 117 5.49 18.03 14.79
N ILE B 118 6.26 17.64 13.79
CA ILE B 118 7.63 18.13 13.59
C ILE B 118 7.76 18.67 12.19
N PRO B 119 8.35 19.85 12.01
CA PRO B 119 8.57 20.32 10.66
C PRO B 119 9.48 19.39 9.83
N ARG B 120 9.33 19.46 8.53
CA ARG B 120 10.17 18.71 7.60
C ARG B 120 11.64 19.06 7.83
N GLY B 121 12.49 18.07 7.56
CA GLY B 121 13.95 18.26 7.57
C GLY B 121 14.58 18.08 8.92
N ASN B 122 13.86 17.48 9.84
CA ASN B 122 14.37 17.19 11.18
C ASN B 122 14.59 15.73 11.44
N VAL B 123 15.60 15.42 12.28
CA VAL B 123 15.78 14.08 12.72
C VAL B 123 14.60 13.62 13.49
N LEU B 124 14.05 12.46 13.07
CA LEU B 124 12.91 11.84 13.76
C LEU B 124 13.32 10.65 14.61
N PHE B 125 14.26 9.87 14.07
CA PHE B 125 14.92 8.81 14.87
C PHE B 125 16.29 8.54 14.33
N THR B 126 17.10 7.91 15.19
CA THR B 126 18.47 7.51 14.90
C THR B 126 18.66 6.08 15.30
N VAL B 127 19.61 5.39 14.62
CA VAL B 127 19.89 3.98 14.81
C VAL B 127 21.37 3.81 14.83
N GLU B 128 21.90 3.05 15.79
CA GLU B 128 23.32 2.70 15.79
C GLU B 128 23.49 1.34 16.42
N ASN B 129 24.57 0.66 16.06
CA ASN B 129 24.93 -0.56 16.69
C ASN B 129 25.60 -0.31 18.07
N THR B 130 25.35 -1.22 19.00
CA THR B 130 25.95 -1.13 20.33
C THR B 130 27.09 -2.12 20.54
N ASP B 131 27.40 -2.94 19.56
CA ASP B 131 28.56 -3.83 19.57
C ASP B 131 29.32 -3.57 18.28
N PRO B 132 30.64 -3.36 18.36
CA PRO B 132 31.43 -3.13 17.13
C PRO B 132 31.35 -4.21 16.07
N GLU B 133 31.13 -5.46 16.46
CA GLU B 133 31.01 -6.55 15.53
C GLU B 133 29.75 -6.45 14.62
N CYS B 134 28.79 -5.72 15.13
CA CYS B 134 27.50 -5.58 14.44
C CYS B 134 27.35 -4.21 13.74
N TYR B 135 28.45 -3.63 13.28
CA TYR B 135 28.48 -2.40 12.45
C TYR B 135 27.51 -2.50 11.25
N TRP B 136 27.41 -3.71 10.73
CA TRP B 136 26.59 -3.98 9.51
C TRP B 136 25.10 -4.01 9.83
N LEU B 137 24.71 -4.11 11.10
CA LEU B 137 23.31 -4.32 11.46
C LEU B 137 22.47 -3.04 11.39
N THR B 138 23.10 -1.89 11.63
CA THR B 138 22.37 -0.61 11.55
C THR B 138 21.59 -0.49 10.23
N ASN B 139 22.27 -0.69 9.13
CA ASN B 139 21.57 -0.54 7.84
C ASN B 139 20.91 -1.80 7.29
N TRP B 140 21.14 -2.94 7.90
CA TRP B 140 20.33 -4.13 7.62
C TRP B 140 18.84 -3.82 7.83
N ILE B 141 18.55 -3.14 8.93
CA ILE B 141 17.21 -2.87 9.38
C ILE B 141 16.67 -1.52 8.84
N GLU B 142 17.39 -0.89 7.89
CA GLU B 142 16.82 0.29 7.22
C GLU B 142 15.47 -0.08 6.61
N THR B 143 15.39 -1.18 5.88
CA THR B 143 14.21 -1.47 5.07
C THR B 143 12.93 -1.55 5.93
N ILE B 144 13.03 -2.31 7.01
CA ILE B 144 11.89 -2.48 7.87
C ILE B 144 11.52 -1.17 8.62
N LEU B 145 12.51 -0.40 9.01
CA LEU B 145 12.28 0.86 9.72
C LEU B 145 11.72 1.91 8.79
N VAL B 146 12.17 1.91 7.55
CA VAL B 146 11.73 2.94 6.61
C VAL B 146 10.23 2.80 6.28
N GLN B 147 9.68 1.61 6.48
CA GLN B 147 8.26 1.43 6.30
C GLN B 147 7.39 2.29 7.26
N SER B 148 8.03 2.84 8.31
CA SER B 148 7.38 3.87 9.14
C SER B 148 6.89 5.05 8.30
N TRP B 149 7.41 5.21 7.09
CA TRP B 149 6.88 6.27 6.21
C TRP B 149 5.37 6.19 6.13
N TYR B 150 4.85 4.97 6.09
CA TYR B 150 3.42 4.79 5.81
C TYR B 150 2.54 5.34 6.92
N PRO B 151 2.69 4.87 8.15
CA PRO B 151 1.82 5.46 9.22
C PRO B 151 2.13 6.92 9.41
N ILE B 152 3.39 7.34 9.25
CA ILE B 152 3.68 8.80 9.33
C ILE B 152 2.82 9.55 8.28
N THR B 153 2.83 9.06 7.06
CA THR B 153 2.23 9.79 6.00
C THR B 153 0.69 9.77 6.07
N VAL B 154 0.13 8.61 6.42
CA VAL B 154 -1.29 8.51 6.61
C VAL B 154 -1.71 9.51 7.70
N ALA B 155 -0.99 9.44 8.85
CA ALA B 155 -1.38 10.28 9.98
C ALA B 155 -1.26 11.78 9.61
N THR B 156 -0.19 12.17 8.91
CA THR B 156 0.03 13.51 8.49
C THR B 156 -1.05 13.99 7.52
N ASN B 157 -1.33 13.20 6.49
CA ASN B 157 -2.28 13.60 5.49
C ASN B 157 -3.71 13.68 6.11
N SER B 158 -4.02 12.75 7.01
CA SER B 158 -5.31 12.76 7.71
C SER B 158 -5.41 14.04 8.57
N ARG B 159 -4.29 14.42 9.24
CA ARG B 159 -4.28 15.64 10.08
C ARG B 159 -4.42 16.90 9.20
N GLU B 160 -3.80 16.89 8.02
CA GLU B 160 -3.95 17.98 7.10
C GLU B 160 -5.40 18.16 6.64
N GLN B 161 -6.08 17.04 6.45
CA GLN B 161 -7.55 17.12 6.12
C GLN B 161 -8.36 17.64 7.30
N LYS B 162 -7.98 17.21 8.50
CA LYS B 162 -8.62 17.73 9.71
C LYS B 162 -8.48 19.25 9.83
N LYS B 163 -7.34 19.79 9.42
CA LYS B 163 -7.12 21.25 9.44
C LYS B 163 -8.08 21.99 8.54
N ILE B 164 -8.29 21.41 7.36
CA ILE B 164 -9.25 21.97 6.39
C ILE B 164 -10.64 21.94 6.96
N LEU B 165 -11.02 20.80 7.48
CA LEU B 165 -12.38 20.65 8.04
C LEU B 165 -12.57 21.58 9.21
N ALA B 166 -11.53 21.70 10.05
CA ALA B 166 -11.68 22.59 11.17
C ALA B 166 -11.86 24.04 10.78
N LYS B 167 -11.04 24.48 9.84
CA LYS B 167 -11.15 25.84 9.31
C LYS B 167 -12.59 26.16 8.86
N TYR B 168 -13.12 25.28 8.03
CA TYR B 168 -14.43 25.53 7.41
C TYR B 168 -15.60 25.32 8.38
N LEU B 169 -15.47 24.36 9.29
CA LEU B 169 -16.46 24.17 10.30
C LEU B 169 -16.49 25.37 11.22
N LEU B 170 -15.31 25.87 11.60
CA LEU B 170 -15.32 26.99 12.54
C LEU B 170 -15.94 28.20 11.83
N GLU B 171 -15.59 28.41 10.57
CA GLU B 171 -16.08 29.56 9.85
C GLU B 171 -17.60 29.49 9.63
N THR B 172 -18.10 28.30 9.33
CA THR B 172 -19.53 28.19 9.01
C THR B 172 -20.49 27.90 10.14
N SER B 173 -19.98 27.45 11.29
CA SER B 173 -20.77 27.09 12.45
C SER B 173 -20.39 27.85 13.71
N GLY B 174 -19.16 28.34 13.81
CA GLY B 174 -18.67 28.99 15.03
C GLY B 174 -18.06 28.10 16.05
N ASN B 175 -17.97 26.79 15.77
CA ASN B 175 -17.39 25.85 16.73
C ASN B 175 -16.87 24.61 15.98
N LEU B 176 -16.31 23.69 16.75
CA LEU B 176 -15.70 22.47 16.13
C LEU B 176 -16.48 21.21 16.45
N ASP B 177 -17.72 21.37 16.89
CA ASP B 177 -18.51 20.25 17.26
C ASP B 177 -18.66 19.26 16.06
N GLY B 178 -18.38 18.01 16.32
CA GLY B 178 -18.54 16.99 15.27
C GLY B 178 -17.25 16.78 14.46
N LEU B 179 -16.22 17.58 14.71
CA LEU B 179 -15.01 17.53 13.89
C LEU B 179 -14.41 16.12 13.84
N GLU B 180 -14.31 15.41 14.96
CA GLU B 180 -13.48 14.22 14.98
C GLU B 180 -14.31 13.03 14.47
N TYR B 181 -15.49 13.31 13.88
CA TYR B 181 -16.26 12.31 13.13
C TYR B 181 -16.46 12.66 11.69
N LYS B 182 -15.77 13.67 11.22
CA LYS B 182 -16.09 14.24 9.86
C LYS B 182 -15.35 13.64 8.73
N LEU B 183 -14.38 12.82 9.08
CA LEU B 183 -13.60 12.06 8.05
C LEU B 183 -13.49 10.61 8.42
N HIS B 184 -14.31 9.81 7.77
CA HIS B 184 -14.49 8.45 8.09
C HIS B 184 -13.65 7.53 7.16
N ASP B 185 -12.96 6.54 7.74
CA ASP B 185 -12.12 5.66 6.97
C ASP B 185 -12.97 4.60 6.28
N PHE B 186 -12.98 4.66 4.94
CA PHE B 186 -13.64 3.70 4.06
C PHE B 186 -12.63 2.75 3.36
N GLY B 187 -11.38 2.83 3.76
CA GLY B 187 -10.27 2.25 2.97
C GLY B 187 -9.90 0.80 3.03
N TYR B 188 -10.63 0.00 3.82
CA TYR B 188 -10.20 -1.34 4.11
C TYR B 188 -9.97 -2.13 2.77
N ARG B 189 -10.96 -2.06 1.87
CA ARG B 189 -10.86 -2.81 0.67
C ARG B 189 -9.84 -2.26 -0.33
N GLY B 190 -9.52 -0.99 -0.18
CA GLY B 190 -8.73 -0.24 -1.11
C GLY B 190 -7.22 -0.17 -0.79
N VAL B 191 -6.76 -0.86 0.27
CA VAL B 191 -5.34 -0.97 0.57
C VAL B 191 -4.82 -2.30 0.07
N SER B 192 -3.51 -2.42 0.15
CA SER B 192 -2.79 -3.51 -0.45
C SER B 192 -2.70 -4.80 0.31
N SER B 193 -3.07 -4.78 1.59
CA SER B 193 -3.02 -5.99 2.44
C SER B 193 -3.79 -5.75 3.74
N GLN B 194 -4.03 -6.85 4.44
CA GLN B 194 -4.60 -6.80 5.80
C GLN B 194 -3.69 -6.05 6.75
N GLU B 195 -2.39 -6.32 6.66
CA GLU B 195 -1.46 -5.61 7.55
C GLU B 195 -1.48 -4.08 7.37
N THR B 196 -1.45 -3.68 6.09
CA THR B 196 -1.56 -2.28 5.75
C THR B 196 -2.85 -1.65 6.28
N ALA B 197 -3.94 -2.37 6.16
CA ALA B 197 -5.24 -1.91 6.61
C ALA B 197 -5.19 -1.49 8.11
N GLY B 198 -4.67 -2.37 8.93
CA GLY B 198 -4.53 -2.07 10.35
C GLY B 198 -3.62 -0.92 10.61
N ILE B 199 -2.40 -0.91 10.03
CA ILE B 199 -1.45 0.19 10.24
C ILE B 199 -2.10 1.56 9.83
N GLY B 200 -2.64 1.60 8.62
CA GLY B 200 -3.15 2.88 8.06
C GLY B 200 -4.35 3.33 8.83
N ALA B 201 -5.25 2.38 9.15
CA ALA B 201 -6.44 2.80 9.89
C ALA B 201 -6.09 3.33 11.26
N SER B 202 -5.07 2.76 11.89
CA SER B 202 -4.59 3.26 13.18
C SER B 202 -4.06 4.66 13.06
N ALA B 203 -3.36 4.93 11.96
CA ALA B 203 -2.77 6.23 11.74
C ALA B 203 -3.84 7.29 11.56
N HIS B 204 -4.92 6.96 10.83
CA HIS B 204 -6.04 7.90 10.70
C HIS B 204 -6.70 8.20 12.04
N LEU B 205 -6.77 7.17 12.88
CA LEU B 205 -7.39 7.28 14.19
C LEU B 205 -6.57 8.15 15.12
N VAL B 206 -5.35 8.51 14.76
CA VAL B 206 -4.63 9.52 15.58
C VAL B 206 -5.41 10.82 15.56
N ASN B 207 -6.12 11.07 14.46
CA ASN B 207 -6.75 12.36 14.25
C ASN B 207 -8.34 12.38 14.35
N PHE B 208 -8.96 11.26 14.06
CA PHE B 208 -10.40 11.15 14.00
C PHE B 208 -10.81 9.89 14.77
N LYS B 209 -12.10 9.76 14.99
CA LYS B 209 -12.68 8.67 15.75
C LYS B 209 -13.53 7.72 14.94
N GLY B 210 -13.74 7.98 13.66
CA GLY B 210 -14.65 7.17 12.86
C GLY B 210 -13.96 6.35 11.80
N THR B 211 -14.27 5.05 11.86
CA THR B 211 -13.62 4.11 10.94
C THR B 211 -14.49 2.94 10.65
N ASP B 212 -14.42 2.49 9.39
CA ASP B 212 -14.91 1.18 9.02
C ASP B 212 -13.84 0.12 8.81
N THR B 213 -12.60 0.52 9.00
CA THR B 213 -11.47 -0.37 8.80
C THR B 213 -11.19 -1.05 10.15
N VAL B 214 -11.94 -2.10 10.42
CA VAL B 214 -11.97 -2.72 11.78
C VAL B 214 -10.55 -3.16 12.25
N ALA B 215 -9.69 -3.51 11.29
CA ALA B 215 -8.33 -3.97 11.56
C ALA B 215 -7.54 -2.98 12.43
N GLY B 216 -7.88 -1.70 12.34
CA GLY B 216 -7.17 -0.64 13.08
C GLY B 216 -7.34 -0.81 14.61
N LEU B 217 -8.49 -1.36 15.00
CA LEU B 217 -8.83 -1.39 16.44
C LEU B 217 -7.86 -2.35 17.16
N ALA B 218 -7.66 -3.54 16.60
CA ALA B 218 -6.86 -4.53 17.29
C ALA B 218 -5.39 -4.13 17.36
N LEU B 219 -4.94 -3.47 16.32
CA LEU B 219 -3.57 -3.01 16.29
C LEU B 219 -3.34 -2.02 17.42
N ILE B 220 -4.21 -1.01 17.53
CA ILE B 220 -4.08 -0.04 18.59
C ILE B 220 -4.12 -0.71 19.95
N LYS B 221 -5.06 -1.61 20.14
CA LYS B 221 -5.22 -2.26 21.45
C LYS B 221 -3.92 -3.03 21.82
N LYS B 222 -3.33 -3.69 20.85
CA LYS B 222 -2.18 -4.56 21.12
C LYS B 222 -0.88 -3.75 21.32
N TYR B 223 -0.66 -2.73 20.53
CA TYR B 223 0.61 -2.04 20.47
C TYR B 223 0.70 -0.68 21.15
N TYR B 224 -0.46 -0.03 21.35
CA TYR B 224 -0.50 1.30 21.90
C TYR B 224 -1.39 1.45 23.14
N GLY B 225 -2.68 1.08 22.99
CA GLY B 225 -3.64 1.12 24.10
C GLY B 225 -4.35 2.42 24.25
N THR B 226 -5.59 2.26 24.70
CA THR B 226 -6.44 3.43 24.98
C THR B 226 -7.16 3.14 26.34
N LYS B 227 -7.47 4.20 27.03
CA LYS B 227 -8.36 4.13 28.24
C LYS B 227 -9.78 3.61 27.87
N ASP B 228 -10.32 4.13 26.79
CA ASP B 228 -11.60 3.65 26.27
C ASP B 228 -11.51 2.25 25.68
N PRO B 229 -12.59 1.45 25.76
CA PRO B 229 -12.58 0.13 25.19
C PRO B 229 -12.07 0.07 23.74
N VAL B 230 -12.49 1.02 22.91
CA VAL B 230 -12.04 1.06 21.50
C VAL B 230 -11.67 2.47 21.11
N PRO B 231 -10.78 2.58 20.10
CA PRO B 231 -10.33 3.89 19.66
C PRO B 231 -11.18 4.49 18.55
N GLY B 232 -12.05 3.68 17.94
CA GLY B 232 -12.91 4.25 16.89
C GLY B 232 -14.22 3.52 16.76
N TYR B 233 -15.12 4.21 16.05
CA TYR B 233 -16.56 3.92 16.13
C TYR B 233 -17.16 3.95 14.73
N SER B 234 -18.29 3.29 14.60
CA SER B 234 -19.06 3.33 13.38
C SER B 234 -20.53 3.24 13.68
N VAL B 235 -21.36 3.20 12.62
CA VAL B 235 -22.79 3.17 12.65
C VAL B 235 -23.25 2.29 11.50
N PRO B 236 -24.50 1.81 11.60
CA PRO B 236 -24.99 1.05 10.52
C PRO B 236 -25.08 1.86 9.22
N ALA B 237 -24.88 1.14 8.14
CA ALA B 237 -24.93 1.78 6.81
C ALA B 237 -25.20 0.78 5.73
N ALA B 238 -25.84 1.22 4.65
CA ALA B 238 -26.15 0.36 3.52
C ALA B 238 -25.01 0.34 2.49
N GLU B 239 -25.02 -0.64 1.61
CA GLU B 239 -24.14 -0.71 0.45
C GLU B 239 -25.03 -0.97 -0.74
N HIS B 240 -24.45 -0.91 -1.94
CA HIS B 240 -25.28 -1.15 -3.12
C HIS B 240 -25.99 -2.47 -3.10
N SER B 241 -25.31 -3.52 -2.61
CA SER B 241 -25.95 -4.82 -2.60
C SER B 241 -27.22 -4.86 -1.78
N THR B 242 -27.23 -4.14 -0.64
CA THR B 242 -28.41 -4.17 0.23
C THR B 242 -29.58 -3.31 -0.26
N ILE B 243 -29.32 -2.40 -1.18
CA ILE B 243 -30.39 -1.67 -1.82
C ILE B 243 -30.83 -2.41 -3.10
N THR B 244 -29.88 -2.67 -3.99
CA THR B 244 -30.19 -3.23 -5.32
C THR B 244 -30.78 -4.65 -5.28
N ALA B 245 -30.49 -5.41 -4.20
CA ALA B 245 -31.04 -6.78 -4.05
C ALA B 245 -32.55 -6.79 -4.05
N TRP B 246 -33.16 -5.66 -3.68
CA TRP B 246 -34.64 -5.54 -3.61
C TRP B 246 -35.28 -5.43 -5.00
N GLY B 247 -34.45 -5.14 -6.01
CA GLY B 247 -34.92 -4.89 -7.38
C GLY B 247 -35.03 -3.41 -7.61
N LYS B 248 -34.81 -3.02 -8.87
CA LYS B 248 -34.87 -1.64 -9.34
C LYS B 248 -36.15 -0.86 -8.95
N ASP B 249 -37.31 -1.54 -9.04
CA ASP B 249 -38.56 -0.91 -8.74
C ASP B 249 -38.88 -0.88 -7.24
N HIS B 250 -37.99 -1.42 -6.40
CA HIS B 250 -38.27 -1.51 -4.97
C HIS B 250 -37.19 -0.80 -4.14
N GLU B 251 -36.57 0.21 -4.73
CA GLU B 251 -35.63 1.03 -3.98
C GLU B 251 -36.24 1.64 -2.71
N LYS B 252 -37.47 2.16 -2.84
CA LYS B 252 -38.17 2.72 -1.71
C LYS B 252 -38.36 1.68 -0.64
N ASP B 253 -38.75 0.47 -1.00
CA ASP B 253 -38.90 -0.59 -0.01
C ASP B 253 -37.61 -0.90 0.80
N ALA B 254 -36.51 -0.92 0.09
CA ALA B 254 -35.22 -1.14 0.71
C ALA B 254 -34.98 -0.01 1.69
N PHE B 255 -35.12 1.25 1.26
CA PHE B 255 -34.88 2.39 2.15
C PHE B 255 -35.75 2.29 3.41
N GLU B 256 -37.05 2.06 3.21
CA GLU B 256 -37.99 2.00 4.36
C GLU B 256 -37.54 0.88 5.34
N HIS B 257 -37.19 -0.29 4.80
CA HIS B 257 -36.77 -1.40 5.62
C HIS B 257 -35.53 -1.08 6.43
N ILE B 258 -34.56 -0.47 5.77
CA ILE B 258 -33.30 -0.22 6.44
C ILE B 258 -33.45 0.87 7.53
N VAL B 259 -34.14 1.96 7.27
CA VAL B 259 -34.23 3.01 8.28
C VAL B 259 -35.14 2.55 9.46
N THR B 260 -36.07 1.67 9.17
CA THR B 260 -36.93 1.08 10.23
C THR B 260 -36.17 0.08 11.07
N GLN B 261 -35.27 -0.68 10.45
CA GLN B 261 -34.40 -1.59 11.20
C GLN B 261 -33.47 -0.84 12.14
N PHE B 262 -32.98 0.31 11.71
CA PHE B 262 -32.05 1.14 12.44
C PHE B 262 -32.66 2.45 12.81
N SER B 263 -33.77 2.41 13.57
CA SER B 263 -34.61 3.61 13.77
C SER B 263 -34.09 4.46 14.89
N SER B 264 -33.17 3.94 15.71
CA SER B 264 -32.76 4.71 16.87
C SER B 264 -31.27 4.90 16.99
N VAL B 265 -30.56 4.61 15.90
CA VAL B 265 -29.13 4.95 15.79
C VAL B 265 -28.95 5.71 14.45
N PRO B 266 -27.86 6.49 14.31
CA PRO B 266 -27.63 7.12 13.00
C PRO B 266 -27.52 6.01 11.93
N VAL B 267 -27.99 6.27 10.70
CA VAL B 267 -27.92 5.24 9.69
C VAL B 267 -27.58 5.92 8.38
N SER B 268 -26.53 5.45 7.76
CA SER B 268 -26.15 5.90 6.41
C SER B 268 -26.77 5.07 5.31
N VAL B 269 -27.37 5.70 4.31
CA VAL B 269 -28.04 4.96 3.25
C VAL B 269 -27.64 5.48 1.86
N VAL B 270 -26.86 4.65 1.21
CA VAL B 270 -26.38 4.92 -0.14
C VAL B 270 -27.60 5.11 -1.06
N SER B 271 -27.66 6.24 -1.76
CA SER B 271 -28.92 6.66 -2.36
C SER B 271 -28.81 6.85 -3.90
N ASP B 272 -27.67 6.43 -4.46
CA ASP B 272 -27.36 6.66 -5.85
C ASP B 272 -27.39 5.45 -6.76
N SER B 273 -27.97 4.33 -6.25
CA SER B 273 -28.00 3.10 -7.06
C SER B 273 -28.56 3.34 -8.45
N TYR B 274 -29.61 4.15 -8.56
CA TYR B 274 -30.21 4.43 -9.89
C TYR B 274 -30.27 5.91 -10.20
N ASP B 275 -30.71 6.73 -9.22
CA ASP B 275 -30.87 8.17 -9.45
C ASP B 275 -30.92 8.89 -8.15
N ILE B 276 -29.72 9.32 -7.75
CA ILE B 276 -29.52 10.03 -6.49
C ILE B 276 -30.50 11.15 -6.30
N TYR B 277 -30.76 11.89 -7.36
CA TYR B 277 -31.57 13.13 -7.22
C TYR B 277 -33.06 12.77 -7.03
N ASN B 278 -33.52 11.74 -7.74
CA ASN B 278 -34.87 11.19 -7.51
C ASN B 278 -34.96 10.63 -6.11
N ALA B 279 -33.93 9.89 -5.72
CA ALA B 279 -33.98 9.32 -4.36
C ALA B 279 -34.15 10.41 -3.30
N CYS B 280 -33.35 11.46 -3.42
CA CYS B 280 -33.45 12.53 -2.45
C CYS B 280 -34.79 13.29 -2.52
N GLU B 281 -35.21 13.59 -3.73
CA GLU B 281 -36.40 14.47 -3.88
C GLU B 281 -37.72 13.74 -3.68
N LYS B 282 -37.83 12.57 -4.27
CA LYS B 282 -39.09 11.84 -4.30
C LYS B 282 -39.15 10.76 -3.23
N ILE B 283 -38.10 9.94 -3.10
CA ILE B 283 -38.23 8.84 -2.16
C ILE B 283 -38.06 9.33 -0.74
N TRP B 284 -36.91 9.89 -0.43
CA TRP B 284 -36.75 10.48 0.87
C TRP B 284 -37.59 11.70 1.11
N GLY B 285 -37.69 12.57 0.11
CA GLY B 285 -38.29 13.85 0.30
C GLY B 285 -39.82 13.84 0.24
N GLU B 286 -40.41 12.77 -0.25
CA GLU B 286 -41.88 12.68 -0.30
C GLU B 286 -42.33 11.35 0.28
N ASP B 287 -42.02 10.25 -0.40
CA ASP B 287 -42.60 8.93 -0.05
C ASP B 287 -42.29 8.49 1.36
N LEU B 288 -41.03 8.66 1.78
CA LEU B 288 -40.59 8.24 3.10
C LEU B 288 -40.33 9.39 4.07
N ARG B 289 -40.76 10.60 3.74
CA ARG B 289 -40.44 11.80 4.56
C ARG B 289 -40.93 11.61 5.99
N HIS B 290 -42.07 10.93 6.16
CA HIS B 290 -42.63 10.79 7.52
C HIS B 290 -41.78 9.90 8.40
N LEU B 291 -40.97 9.07 7.77
CA LEU B 291 -40.02 8.22 8.50
C LEU B 291 -38.70 8.92 8.86
N ILE B 292 -38.45 10.04 8.26
CA ILE B 292 -37.26 10.78 8.52
C ILE B 292 -37.46 11.90 9.58
N VAL B 293 -38.54 12.63 9.44
CA VAL B 293 -38.79 13.77 10.28
C VAL B 293 -39.12 13.35 11.72
N SER B 294 -39.43 12.08 11.90
CA SER B 294 -39.72 11.51 13.22
C SER B 294 -38.50 11.06 14.00
N ARG B 295 -37.32 11.06 13.37
CA ARG B 295 -36.14 10.50 13.98
C ARG B 295 -35.53 11.47 14.98
N SER B 296 -34.84 10.88 15.96
CA SER B 296 -34.12 11.56 17.01
C SER B 296 -32.91 12.29 16.45
N THR B 297 -32.57 13.40 17.04
CA THR B 297 -31.29 14.03 16.82
C THR B 297 -30.05 13.19 17.05
N GLN B 298 -30.16 12.19 17.88
CA GLN B 298 -29.08 11.25 18.09
C GLN B 298 -29.10 10.13 17.05
N ALA B 299 -30.06 10.15 16.12
CA ALA B 299 -30.23 9.05 15.18
C ALA B 299 -30.64 9.56 13.77
N PRO B 300 -29.84 10.46 13.20
CA PRO B 300 -30.23 11.00 11.92
C PRO B 300 -30.17 9.97 10.82
N LEU B 301 -30.94 10.19 9.76
CA LEU B 301 -30.65 9.63 8.46
C LEU B 301 -29.50 10.40 7.83
N ILE B 302 -28.53 9.64 7.38
CA ILE B 302 -27.35 10.21 6.72
C ILE B 302 -27.42 9.72 5.27
N ILE B 303 -27.84 10.62 4.37
CA ILE B 303 -27.98 10.33 2.98
C ILE B 303 -26.62 10.29 2.36
N ARG B 304 -26.35 9.22 1.61
CA ARG B 304 -25.01 9.03 1.02
C ARG B 304 -25.07 9.00 -0.50
N PRO B 305 -24.72 10.12 -1.16
CA PRO B 305 -24.41 10.02 -2.59
C PRO B 305 -23.08 9.29 -2.76
N ASP B 306 -22.83 8.72 -3.91
CA ASP B 306 -21.58 7.94 -4.12
C ASP B 306 -21.09 7.96 -5.61
N SER B 307 -21.47 8.99 -6.39
CA SER B 307 -21.12 9.02 -7.82
C SER B 307 -21.40 10.40 -8.33
N GLY B 308 -20.79 10.67 -9.49
CA GLY B 308 -20.80 11.98 -10.07
C GLY B 308 -19.73 12.90 -9.60
N ASN B 309 -19.72 14.14 -10.11
CA ASN B 309 -18.77 15.10 -9.65
C ASN B 309 -19.03 15.37 -8.16
N PRO B 310 -18.02 15.18 -7.30
CA PRO B 310 -18.32 15.26 -5.87
C PRO B 310 -18.91 16.57 -5.42
N LEU B 311 -18.33 17.70 -5.81
CA LEU B 311 -18.85 18.98 -5.38
C LEU B 311 -20.26 19.19 -5.95
N ASP B 312 -20.39 19.00 -7.26
CA ASP B 312 -21.69 19.35 -7.91
C ASP B 312 -22.80 18.50 -7.31
N THR B 313 -22.45 17.26 -7.02
CA THR B 313 -23.42 16.26 -6.47
C THR B 313 -23.85 16.63 -5.07
N VAL B 314 -22.87 16.98 -4.27
CA VAL B 314 -23.19 17.44 -2.87
C VAL B 314 -24.08 18.66 -2.88
N LEU B 315 -23.72 19.66 -3.76
CA LEU B 315 -24.49 20.93 -3.80
C LEU B 315 -25.94 20.69 -4.24
N LYS B 316 -26.09 19.81 -5.25
CA LYS B 316 -27.45 19.52 -5.75
C LYS B 316 -28.27 18.73 -4.75
N VAL B 317 -27.63 17.77 -4.08
CA VAL B 317 -28.30 16.99 -3.02
C VAL B 317 -28.76 17.94 -1.92
N LEU B 318 -27.88 18.86 -1.50
CA LEU B 318 -28.27 19.83 -0.47
C LEU B 318 -29.41 20.73 -0.92
N GLU B 319 -29.35 21.17 -2.19
CA GLU B 319 -30.44 22.06 -2.68
C GLU B 319 -31.75 21.32 -2.69
N ILE B 320 -31.71 20.07 -3.13
CA ILE B 320 -32.93 19.23 -3.11
C ILE B 320 -33.50 19.13 -1.70
N LEU B 321 -32.64 18.72 -0.77
CA LEU B 321 -33.09 18.45 0.57
C LEU B 321 -33.56 19.71 1.28
N GLY B 322 -32.98 20.84 0.93
CA GLY B 322 -33.34 22.08 1.58
C GLY B 322 -34.72 22.55 1.11
N LYS B 323 -35.19 22.04 -0.02
CA LYS B 323 -36.54 22.36 -0.53
C LYS B 323 -37.58 21.40 0.01
N LYS B 324 -37.17 20.23 0.46
CA LYS B 324 -38.09 19.24 0.98
C LYS B 324 -38.19 19.17 2.47
N PHE B 325 -37.17 19.71 3.18
CA PHE B 325 -37.06 19.63 4.61
C PHE B 325 -36.89 21.03 5.21
N PRO B 326 -37.23 21.20 6.49
CA PRO B 326 -37.15 22.56 7.04
C PRO B 326 -35.72 23.01 7.37
N VAL B 327 -35.19 23.89 6.57
CA VAL B 327 -33.86 24.45 6.81
C VAL B 327 -33.86 25.63 7.76
N THR B 328 -32.83 25.72 8.58
CA THR B 328 -32.66 26.84 9.47
C THR B 328 -31.40 27.60 9.07
N GLU B 329 -31.21 28.80 9.63
CA GLU B 329 -30.01 29.56 9.39
C GLU B 329 -29.35 29.66 10.74
N ASN B 330 -28.11 29.12 10.82
CA ASN B 330 -27.41 29.15 12.10
C ASN B 330 -26.90 30.54 12.44
N SER B 331 -26.18 30.65 13.57
CA SER B 331 -25.84 31.97 14.09
C SER B 331 -24.78 32.69 13.21
N LYS B 332 -24.16 31.92 12.29
CA LYS B 332 -23.17 32.49 11.36
C LYS B 332 -23.78 32.84 10.06
N GLY B 333 -25.05 32.57 9.87
CA GLY B 333 -25.70 32.90 8.61
C GLY B 333 -25.75 31.76 7.59
N TYR B 334 -25.28 30.57 7.95
CA TYR B 334 -25.24 29.42 7.01
C TYR B 334 -26.42 28.53 7.20
N LYS B 335 -26.86 27.92 6.13
CA LYS B 335 -27.98 27.01 6.13
C LYS B 335 -27.67 25.68 6.76
N LEU B 336 -28.67 25.16 7.48
CA LEU B 336 -28.54 23.98 8.25
C LEU B 336 -29.78 23.11 8.12
N LEU B 337 -29.57 21.88 7.69
CA LEU B 337 -30.63 20.88 7.65
C LEU B 337 -31.14 20.61 9.01
N PRO B 338 -32.36 20.05 9.13
CA PRO B 338 -32.82 19.67 10.47
C PRO B 338 -31.99 18.57 11.05
N PRO B 339 -32.02 18.40 12.37
CA PRO B 339 -31.05 17.57 13.03
C PRO B 339 -31.18 16.08 12.77
N TYR B 340 -32.31 15.67 12.26
CA TYR B 340 -32.55 14.31 11.91
C TYR B 340 -32.05 13.94 10.50
N LEU B 341 -31.39 14.90 9.80
CA LEU B 341 -30.99 14.68 8.41
C LEU B 341 -29.61 15.25 8.15
N ARG B 342 -28.74 14.40 7.63
CA ARG B 342 -27.37 14.80 7.25
C ARG B 342 -26.96 14.09 5.96
N VAL B 343 -25.77 14.47 5.45
CA VAL B 343 -25.18 13.93 4.21
C VAL B 343 -23.79 13.40 4.52
N ILE B 344 -23.48 12.28 3.90
CA ILE B 344 -22.08 11.80 3.87
C ILE B 344 -21.63 11.60 2.43
N GLN B 345 -20.54 12.28 2.09
CA GLN B 345 -19.96 12.14 0.76
C GLN B 345 -18.72 11.28 0.87
N GLY B 346 -18.75 10.12 0.30
CA GLY B 346 -17.67 9.14 0.44
C GLY B 346 -17.15 8.56 -0.85
N ASP B 347 -17.33 9.30 -1.97
CA ASP B 347 -16.81 8.96 -3.27
C ASP B 347 -15.88 10.09 -3.75
N GLY B 348 -14.71 9.71 -4.24
CA GLY B 348 -13.78 10.68 -4.83
C GLY B 348 -13.19 11.67 -3.84
N VAL B 349 -13.20 11.32 -2.56
CA VAL B 349 -12.67 12.20 -1.55
C VAL B 349 -11.19 11.94 -1.29
N ASP B 350 -10.40 12.99 -1.52
CA ASP B 350 -8.99 13.04 -1.09
C ASP B 350 -8.75 14.45 -0.58
N ILE B 351 -7.52 14.76 -0.14
CA ILE B 351 -7.32 16.05 0.46
C ILE B 351 -7.68 17.23 -0.48
N ASN B 352 -7.49 17.04 -1.79
CA ASN B 352 -7.78 18.09 -2.75
C ASN B 352 -9.25 18.27 -2.98
N THR B 353 -9.99 17.17 -3.16
CA THR B 353 -11.43 17.32 -3.40
C THR B 353 -12.17 17.72 -2.09
N LEU B 354 -11.68 17.25 -0.94
CA LEU B 354 -12.19 17.68 0.33
C LEU B 354 -12.25 19.21 0.42
N GLN B 355 -11.13 19.85 0.14
CA GLN B 355 -11.04 21.30 0.09
C GLN B 355 -12.00 21.95 -0.89
N GLU B 356 -12.06 21.38 -2.09
CA GLU B 356 -13.01 21.89 -3.13
C GLU B 356 -14.45 21.84 -2.62
N ILE B 357 -14.81 20.75 -1.93
CA ILE B 357 -16.21 20.53 -1.55
C ILE B 357 -16.55 21.54 -0.43
N VAL B 358 -15.72 21.61 0.61
CA VAL B 358 -16.09 22.48 1.74
C VAL B 358 -16.11 23.95 1.28
N GLU B 359 -15.18 24.32 0.38
CA GLU B 359 -15.15 25.68 -0.11
C GLU B 359 -16.40 25.99 -0.97
N GLY B 360 -16.82 25.01 -1.78
CA GLY B 360 -18.01 25.18 -2.60
C GLY B 360 -19.27 25.24 -1.76
N MET B 361 -19.32 24.43 -0.71
CA MET B 361 -20.44 24.51 0.21
C MET B 361 -20.49 25.90 0.88
N LYS B 362 -19.35 26.36 1.36
CA LYS B 362 -19.28 27.69 2.01
C LYS B 362 -19.75 28.79 1.07
N GLN B 363 -19.33 28.72 -0.19
CA GLN B 363 -19.74 29.73 -1.19
C GLN B 363 -21.23 29.69 -1.46
N LYS B 364 -21.87 28.54 -1.35
CA LYS B 364 -23.31 28.42 -1.46
C LYS B 364 -24.06 28.51 -0.10
N MET B 365 -23.39 28.95 0.94
CA MET B 365 -23.98 29.26 2.25
C MET B 365 -24.50 28.02 2.99
N TRP B 366 -23.93 26.85 2.69
CA TRP B 366 -24.20 25.61 3.42
C TRP B 366 -23.20 25.39 4.54
N SER B 367 -23.70 25.23 5.76
CA SER B 367 -22.81 24.92 6.86
C SER B 367 -22.12 23.56 6.68
N ILE B 368 -20.86 23.50 7.10
CA ILE B 368 -20.15 22.19 7.10
C ILE B 368 -20.73 21.27 8.16
N GLU B 369 -21.55 21.83 9.09
CA GLU B 369 -22.32 20.95 9.97
C GLU B 369 -23.22 19.93 9.24
N ASN B 370 -23.59 20.22 8.00
CA ASN B 370 -24.51 19.36 7.26
C ASN B 370 -23.89 18.08 6.76
N ILE B 371 -22.53 17.99 6.80
CA ILE B 371 -21.83 16.94 6.01
C ILE B 371 -20.77 16.23 6.80
N ALA B 372 -20.56 14.99 6.47
CA ALA B 372 -19.39 14.29 6.85
C ALA B 372 -18.83 13.66 5.56
N PHE B 373 -17.56 13.24 5.62
CA PHE B 373 -16.85 12.65 4.52
C PHE B 373 -16.39 11.26 4.84
N GLY B 374 -16.40 10.43 3.81
CA GLY B 374 -15.69 9.15 3.85
C GLY B 374 -14.57 9.22 2.83
N SER B 375 -13.48 8.53 3.10
CA SER B 375 -12.36 8.47 2.16
C SER B 375 -11.73 7.09 2.28
N GLY B 376 -11.47 6.44 1.14
CA GLY B 376 -10.93 5.07 1.15
C GLY B 376 -9.50 5.08 0.59
N GLY B 377 -9.36 4.93 -0.70
CA GLY B 377 -8.09 4.97 -1.31
C GLY B 377 -7.32 6.25 -1.13
N GLY B 378 -8.03 7.36 -1.15
CA GLY B 378 -7.42 8.65 -0.91
C GLY B 378 -6.76 8.73 0.47
N LEU B 379 -7.41 8.09 1.43
CA LEU B 379 -6.97 8.19 2.83
C LEU B 379 -5.79 7.25 3.13
N LEU B 380 -5.89 6.02 2.62
CA LEU B 380 -5.01 4.95 3.08
C LEU B 380 -4.07 4.39 1.98
N GLN B 381 -4.38 4.63 0.69
CA GLN B 381 -3.63 3.99 -0.35
C GLN B 381 -2.89 4.90 -1.29
N LYS B 382 -3.46 6.06 -1.62
CA LYS B 382 -2.91 6.97 -2.62
C LYS B 382 -1.87 7.89 -1.97
N LEU B 383 -0.85 7.23 -1.49
CA LEU B 383 0.25 7.84 -0.74
C LEU B 383 1.51 7.07 -1.02
N THR B 384 2.65 7.77 -1.09
CA THR B 384 3.94 7.11 -1.31
C THR B 384 4.97 7.71 -0.40
N ARG B 385 6.09 7.07 -0.36
CA ARG B 385 7.21 7.50 0.45
C ARG B 385 7.79 8.82 -0.02
N ASP B 386 7.63 9.09 -1.30
CA ASP B 386 8.08 10.39 -1.77
C ASP B 386 7.16 11.60 -1.53
N LEU B 387 6.00 11.44 -0.86
CA LEU B 387 5.22 12.59 -0.55
C LEU B 387 5.95 13.46 0.49
N LEU B 388 6.45 12.82 1.56
CA LEU B 388 7.15 13.56 2.61
C LEU B 388 8.66 13.31 2.55
N ASN B 389 9.09 12.57 1.56
CA ASN B 389 10.52 12.26 1.40
C ASN B 389 11.09 11.62 2.63
N CYS B 390 10.43 10.57 3.09
CA CYS B 390 10.85 9.82 4.28
C CYS B 390 12.05 8.98 3.90
N SER B 391 13.18 9.13 4.60
CA SER B 391 14.43 8.66 4.09
C SER B 391 15.41 8.36 5.27
N PHE B 392 16.19 7.28 5.12
CA PHE B 392 17.14 6.84 6.14
C PHE B 392 18.53 6.85 5.55
N LYS B 393 19.47 7.49 6.27
CA LYS B 393 20.80 7.67 5.76
C LYS B 393 21.83 7.54 6.87
N CYS B 394 22.99 7.02 6.52
CA CYS B 394 24.15 6.99 7.45
C CYS B 394 24.72 8.42 7.49
N SER B 395 24.93 8.92 8.72
CA SER B 395 25.56 10.22 8.95
C SER B 395 26.87 10.19 9.75
N TYR B 396 27.22 9.04 10.33
CA TYR B 396 28.40 8.94 11.16
C TYR B 396 28.89 7.53 11.20
N VAL B 397 30.20 7.34 11.09
CA VAL B 397 30.84 6.03 11.23
C VAL B 397 32.07 6.21 12.10
N VAL B 398 32.46 5.13 12.73
CA VAL B 398 33.79 5.10 13.37
C VAL B 398 34.57 4.00 12.68
N THR B 399 35.75 4.33 12.18
CA THR B 399 36.60 3.35 11.52
C THR B 399 38.05 3.59 12.06
N ASN B 400 38.71 2.49 12.38
CA ASN B 400 40.06 2.57 13.06
C ASN B 400 40.02 3.48 14.27
N GLY B 401 38.89 3.46 15.01
CA GLY B 401 38.73 4.29 16.18
C GLY B 401 38.50 5.77 15.98
N LEU B 402 38.38 6.23 14.74
CA LEU B 402 38.16 7.63 14.43
C LEU B 402 36.71 7.82 13.91
N GLY B 403 35.96 8.73 14.54
CA GLY B 403 34.62 9.12 14.06
C GLY B 403 34.72 10.03 12.89
N ILE B 404 33.95 9.80 11.82
CA ILE B 404 33.89 10.75 10.74
C ILE B 404 32.43 10.98 10.39
N ASN B 405 32.17 12.21 9.99
CA ASN B 405 30.84 12.70 9.61
C ASN B 405 30.67 12.37 8.15
N VAL B 406 29.62 11.62 7.84
CA VAL B 406 29.42 11.18 6.47
C VAL B 406 28.05 11.58 5.93
N PHE B 407 28.00 11.64 4.60
CA PHE B 407 26.81 12.26 4.00
C PHE B 407 26.84 12.02 2.49
N LYS B 408 25.67 12.20 1.88
CA LYS B 408 25.59 12.24 0.42
C LYS B 408 25.24 13.65 0.01
N ASP B 409 25.63 14.03 -1.19
CA ASP B 409 25.35 15.36 -1.70
C ASP B 409 25.38 15.35 -3.20
N PRO B 410 24.34 14.78 -3.84
CA PRO B 410 24.41 14.57 -5.30
C PRO B 410 24.40 15.88 -6.06
N VAL B 411 25.29 16.01 -7.05
CA VAL B 411 25.46 17.29 -7.77
C VAL B 411 24.18 17.80 -8.39
N ALA B 412 23.38 16.90 -8.93
CA ALA B 412 22.23 17.33 -9.68
C ALA B 412 21.00 17.40 -8.83
N ASP B 413 21.11 17.11 -7.50
CA ASP B 413 19.90 17.24 -6.69
C ASP B 413 20.22 17.58 -5.25
N PRO B 414 20.34 18.87 -5.00
CA PRO B 414 20.61 19.29 -3.63
C PRO B 414 19.55 18.92 -2.62
N ASN B 415 18.33 18.66 -3.08
CA ASN B 415 17.31 18.19 -2.16
C ASN B 415 17.66 16.85 -1.55
N LYS B 416 18.53 16.06 -2.21
CA LYS B 416 18.94 14.76 -1.62
C LYS B 416 20.16 14.85 -0.71
N ARG B 417 20.70 16.04 -0.49
CA ARG B 417 21.78 16.17 0.47
C ARG B 417 21.34 15.64 1.81
N SER B 418 22.19 14.87 2.47
CA SER B 418 21.89 14.37 3.79
C SER B 418 22.67 15.05 4.89
N LYS B 419 22.27 14.79 6.13
CA LYS B 419 22.86 15.47 7.31
C LYS B 419 24.13 14.80 7.75
N LYS B 420 25.02 15.55 8.43
CA LYS B 420 26.35 15.05 8.78
C LYS B 420 26.52 14.85 10.28
N GLY B 421 27.07 13.70 10.64
CA GLY B 421 27.56 13.44 11.97
C GLY B 421 26.46 13.08 12.90
N ARG B 422 26.79 13.12 14.18
CA ARG B 422 25.85 12.74 15.19
C ARG B 422 24.81 13.83 15.36
N LEU B 423 23.58 13.41 15.46
CA LEU B 423 22.43 14.37 15.40
C LEU B 423 21.67 14.44 16.70
N SER B 424 21.02 15.58 16.91
CA SER B 424 20.13 15.72 18.04
C SER B 424 19.07 16.76 17.67
N LEU B 425 17.95 16.64 18.36
CA LEU B 425 16.78 17.48 18.10
C LEU B 425 16.56 18.40 19.29
N HIS B 426 16.30 19.70 19.01
CA HIS B 426 16.26 20.70 20.10
C HIS B 426 15.18 21.71 19.82
N ARG B 427 14.75 22.38 20.89
CA ARG B 427 13.95 23.58 20.80
C ARG B 427 14.83 24.79 20.62
N THR B 428 14.37 25.66 19.74
CA THR B 428 15.10 26.91 19.56
C THR B 428 14.61 27.90 20.64
N PRO B 429 15.27 29.04 20.74
CA PRO B 429 14.80 30.04 21.72
C PRO B 429 13.39 30.52 21.51
N ALA B 430 12.89 30.52 20.26
CA ALA B 430 11.52 30.86 19.94
C ALA B 430 10.59 29.68 20.05
N GLY B 431 11.10 28.51 20.44
CA GLY B 431 10.23 27.37 20.71
C GLY B 431 9.98 26.52 19.49
N ASN B 432 10.74 26.76 18.41
CA ASN B 432 10.61 25.90 17.19
C ASN B 432 11.56 24.71 17.33
N PHE B 433 11.64 23.90 16.30
CA PHE B 433 12.59 22.78 16.27
C PHE B 433 13.79 23.04 15.44
N VAL B 434 14.91 22.46 15.85
CA VAL B 434 16.13 22.51 15.11
C VAL B 434 16.86 21.17 15.26
N THR B 435 17.47 20.67 14.20
CA THR B 435 18.31 19.49 14.22
C THR B 435 19.77 19.94 14.15
N LEU B 436 20.53 19.63 15.18
CA LEU B 436 21.98 19.95 15.22
C LEU B 436 22.78 18.76 14.70
N GLU B 437 23.73 19.05 13.87
CA GLU B 437 24.59 18.09 13.22
C GLU B 437 25.96 18.11 13.84
N GLU B 438 26.75 17.13 13.46
CA GLU B 438 28.20 17.10 13.78
C GLU B 438 28.42 17.06 15.28
N GLY B 439 27.48 16.50 16.02
CA GLY B 439 27.64 16.36 17.43
C GLY B 439 27.50 17.67 18.19
N LYS B 440 27.06 18.70 17.53
CA LYS B 440 26.96 20.02 18.17
C LYS B 440 25.99 20.12 19.31
N GLY B 441 25.01 19.22 19.38
CA GLY B 441 24.17 19.10 20.55
C GLY B 441 24.98 19.01 21.87
N ASP B 442 26.15 18.42 21.78
CA ASP B 442 27.00 18.18 22.97
C ASP B 442 27.45 19.50 23.54
N LEU B 443 27.44 20.56 22.73
CA LEU B 443 27.80 21.90 23.24
C LEU B 443 26.80 22.51 24.21
N GLU B 444 25.56 22.00 24.27
CA GLU B 444 24.54 22.41 25.22
C GLU B 444 24.08 23.87 25.05
N GLU B 445 24.23 24.40 23.84
CA GLU B 445 23.74 25.76 23.57
C GLU B 445 22.27 25.80 23.34
N TYR B 446 21.63 24.63 23.15
CA TYR B 446 20.24 24.56 22.78
C TYR B 446 19.55 23.57 23.67
N GLY B 447 20.08 23.38 24.86
CA GLY B 447 19.39 22.51 25.80
C GLY B 447 19.51 21.00 25.48
N GLN B 448 18.61 20.23 26.07
CA GLN B 448 18.69 18.78 26.02
C GLN B 448 18.05 18.28 24.66
N ASP B 449 18.65 17.21 24.17
CA ASP B 449 18.10 16.46 23.04
C ASP B 449 16.68 15.99 23.36
N LEU B 450 15.80 16.22 22.43
CA LEU B 450 14.44 15.84 22.51
C LEU B 450 14.17 14.39 22.14
N LEU B 451 15.12 13.72 21.46
CA LEU B 451 14.99 12.32 21.18
C LEU B 451 15.16 11.49 22.44
N HIS B 452 14.40 10.40 22.54
CA HIS B 452 14.52 9.49 23.68
C HIS B 452 14.93 8.15 23.18
N THR B 453 15.73 7.40 23.95
CA THR B 453 15.98 6.02 23.62
C THR B 453 14.69 5.22 23.74
N VAL B 454 14.25 4.60 22.63
CA VAL B 454 13.05 3.76 22.61
C VAL B 454 13.34 2.28 22.42
N PHE B 455 14.55 1.91 21.96
CA PHE B 455 14.94 0.53 21.80
C PHE B 455 16.42 0.42 22.12
N LYS B 456 16.77 -0.60 22.88
CA LYS B 456 18.20 -0.85 23.14
C LYS B 456 18.35 -2.32 23.43
N ASN B 457 19.21 -2.95 22.64
CA ASN B 457 19.65 -4.28 22.88
C ASN B 457 18.50 -5.28 23.02
N GLY B 458 17.56 -5.19 22.10
CA GLY B 458 16.40 -6.06 22.08
C GLY B 458 15.20 -5.70 22.92
N LYS B 459 15.27 -4.58 23.65
CA LYS B 459 14.16 -4.18 24.51
C LYS B 459 13.59 -2.86 24.04
N VAL B 460 12.26 -2.76 24.10
CA VAL B 460 11.63 -1.45 23.98
C VAL B 460 11.74 -0.74 25.33
N THR B 461 12.31 0.43 25.32
CA THR B 461 12.70 1.16 26.56
C THR B 461 11.89 2.34 26.86
N LYS B 462 11.05 2.79 25.91
CA LYS B 462 10.14 3.91 26.17
C LYS B 462 8.99 3.78 25.18
N SER B 463 7.78 4.06 25.66
CA SER B 463 6.59 3.81 24.86
C SER B 463 5.46 4.79 25.19
N TYR B 464 4.45 4.82 24.34
CA TYR B 464 3.40 5.88 24.36
C TYR B 464 2.08 5.20 24.23
N SER B 465 1.07 5.62 24.99
CA SER B 465 -0.25 5.12 24.72
C SER B 465 -0.83 5.81 23.50
N PHE B 466 -1.89 5.25 22.97
CA PHE B 466 -2.59 5.92 21.88
C PHE B 466 -3.21 7.23 22.34
N ASP B 467 -3.64 7.28 23.62
CA ASP B 467 -4.25 8.48 24.12
C ASP B 467 -3.20 9.60 24.13
N GLU B 468 -1.95 9.30 24.49
CA GLU B 468 -0.90 10.34 24.49
C GLU B 468 -0.54 10.81 23.11
N ILE B 469 -0.51 9.85 22.21
CA ILE B 469 -0.24 10.16 20.77
C ILE B 469 -1.27 11.14 20.22
N ARG B 470 -2.53 10.85 20.49
CA ARG B 470 -3.60 11.76 20.08
C ARG B 470 -3.44 13.13 20.64
N LYS B 471 -3.08 13.18 21.90
CA LYS B 471 -2.86 14.50 22.53
C LYS B 471 -1.75 15.27 21.86
N ASN B 472 -0.68 14.56 21.56
CA ASN B 472 0.47 15.17 20.94
C ASN B 472 0.14 15.71 19.54
N ALA B 473 -0.78 15.06 18.88
CA ALA B 473 -1.09 15.33 17.48
C ALA B 473 -2.24 16.32 17.30
N GLN B 474 -2.75 16.83 18.39
CA GLN B 474 -3.91 17.79 18.31
C GLN B 474 -3.60 19.00 17.46
N LEU B 475 -4.64 19.62 16.89
CA LEU B 475 -4.39 20.83 16.12
C LEU B 475 -4.21 22.01 17.08
N ASN B 476 -3.57 23.09 16.66
CA ASN B 476 -3.53 24.31 17.52
C ASN B 476 -4.92 24.86 17.81
N ILE B 477 -5.72 24.96 16.74
CA ILE B 477 -7.11 25.44 16.87
C ILE B 477 -7.92 24.69 17.93
N GLU B 478 -7.70 23.37 18.04
CA GLU B 478 -8.22 22.56 19.15
C GLU B 478 -7.63 22.95 20.54
N LEU B 479 -6.31 23.10 20.64
CA LEU B 479 -5.68 23.34 21.96
C LEU B 479 -6.20 24.60 22.66
#